data_6ZH9
#
_entry.id   6ZH9
#
_cell.length_a   156.411
_cell.length_b   156.411
_cell.length_c   116.205
_cell.angle_alpha   90.000
_cell.angle_beta   90.000
_cell.angle_gamma   90.000
#
_symmetry.space_group_name_H-M   'P 42 21 2'
#
loop_
_entity.id
_entity.type
_entity.pdbx_description
1 polymer 'CR3022 heavy'
2 polymer 'CR3022 Light chain'
3 polymer 'Spike glycoprotein'
4 polymer 'Nanobody H11-H4'
#
loop_
_entity_poly.entity_id
_entity_poly.type
_entity_poly.pdbx_seq_one_letter_code
_entity_poly.pdbx_strand_id
1 'polypeptide(L)'
;TQMQLVQSGTEVKKPGESLKISCKGSGYGFITYWIGWVRQMPGKGLEWMGIIYPGDSETRYSPSFQGQVTISADKSINTA
YLQWSSLKASDTAIYYCAGGSGISTPMDVWGQGTTVTVASTKGPSVFPLAPSSGGTAALGCLVKDYFPEPVTVSWNSGAL
TSGVHTFPAVLQSSGLYSLSSVVTVPSSSLGTQTYICNVNHKPSNTKVDKKVEPKS
;
HHH
2 'polypeptide(L)'
;DIQLTQSPDSLAVSLGERATINCKSSQSVLYSSINKNYLAWYQQKPGQPPKLLIYWASTRESGVPDRFSGSGSGTDFTLT
ISSLQAEDVAVYYCQQYYSTPYTFGQGTKVEIKRTVAAPSVFIFPPSDEQLKSGTASVVCLLNNFYPREAKVQWKVDNAL
QSGNSQESVTEQDSKDSTYSLSSTLTLSKADYEKHKVYACEVTHQGLSSPVTKSFNRGE
;
LLL
3 'polypeptide(L)'
;ITNLCPFGEVFNATRFASVYAWNRKRISNCVADYSVLYNSASFSTFKCYGVSPTKLNDLCFTNVYADSFVIRGDEVRQIA
PGQTGKIADYNYKLPDDFTGCVIAWNSNNLDSKVGGNYNYLYRLFRKSNLKPFERDISTEIYQAGSTPCNGVEGFNCYFP
LQSYGFQPTNGVGYQPYRVVVLSFELLHAPATVCGPK
;
EEE
4 'polypeptide(L)'
;QVQLVESGGGLMQAGGSLRLSCAVSGRTFSTAAMGWFRQAPGKEREFVAAIRWSGGSAYYADSVKGRFTISRDKAKNTVY
LQMNSLKYEDTAVYYCAQTHYVSYLLSDYATWPYDYWGQGTQVTVSSKHHHHHH
;
FFF
#
# COMPACT_ATOMS: atom_id res chain seq x y z
N THR A 1 19.02 -8.19 3.46
CA THR A 1 17.55 -7.88 3.45
C THR A 1 17.18 -7.06 2.20
N GLN A 2 16.00 -7.30 1.59
CA GLN A 2 15.52 -6.49 0.45
C GLN A 2 15.28 -5.05 0.90
N MET A 3 14.47 -4.87 1.96
CA MET A 3 13.89 -3.56 2.37
C MET A 3 13.78 -3.49 3.89
N GLN A 4 14.28 -2.41 4.50
CA GLN A 4 13.95 -2.05 5.91
C GLN A 4 13.49 -0.58 5.97
N LEU A 5 12.51 -0.26 6.80
CA LEU A 5 11.98 1.12 6.93
C LEU A 5 12.51 1.68 8.24
N VAL A 6 12.88 2.94 8.25
CA VAL A 6 13.36 3.64 9.48
C VAL A 6 12.43 4.81 9.79
N GLN A 7 12.05 4.99 11.06
CA GLN A 7 11.05 6.01 11.46
C GLN A 7 11.72 7.05 12.34
N SER A 8 11.09 8.24 12.39
CA SER A 8 11.53 9.49 13.07
C SER A 8 11.58 9.27 14.58
N GLY A 9 12.39 10.05 15.30
CA GLY A 9 12.57 9.96 16.78
C GLY A 9 11.27 10.14 17.55
N THR A 10 11.19 9.72 18.82
CA THR A 10 9.93 9.80 19.60
C THR A 10 9.67 11.28 19.96
N GLU A 11 8.40 11.71 19.91
CA GLU A 11 8.02 13.14 19.89
C GLU A 11 7.28 13.46 21.18
N VAL A 12 7.72 14.54 21.85
CA VAL A 12 7.12 15.17 23.06
C VAL A 12 6.47 16.51 22.65
N LYS A 13 5.18 16.46 22.32
CA LYS A 13 4.37 17.57 21.76
C LYS A 13 3.32 17.98 22.79
N LYS A 14 2.67 19.13 22.58
CA LYS A 14 1.64 19.64 23.51
C LYS A 14 0.44 20.05 22.68
N PRO A 15 -0.77 19.99 23.27
CA PRO A 15 -2.00 20.11 22.50
C PRO A 15 -2.01 21.38 21.66
N GLY A 16 -2.39 21.27 20.39
CA GLY A 16 -2.51 22.43 19.48
C GLY A 16 -1.36 22.50 18.46
N GLU A 17 -0.16 22.08 18.87
CA GLU A 17 1.04 22.00 17.99
C GLU A 17 0.70 21.06 16.85
N SER A 18 1.34 21.22 15.71
CA SER A 18 1.28 20.22 14.62
C SER A 18 2.59 19.42 14.63
N LEU A 19 2.55 18.29 13.91
CA LEU A 19 3.59 17.23 13.86
C LEU A 19 3.50 16.48 12.53
N LYS A 20 4.65 16.26 11.90
CA LYS A 20 4.75 15.45 10.67
C LYS A 20 5.89 14.45 10.88
N ILE A 21 5.56 13.21 11.26
CA ILE A 21 6.56 12.13 11.47
C ILE A 21 6.83 11.50 10.12
N SER A 22 7.96 10.81 10.01
CA SER A 22 8.48 10.21 8.76
C SER A 22 8.84 8.73 8.97
N CYS A 23 9.10 8.10 7.82
CA CYS A 23 9.39 6.65 7.62
C CYS A 23 10.09 6.51 6.28
N LYS A 24 11.42 6.32 6.29
CA LYS A 24 12.30 6.28 5.09
C LYS A 24 12.63 4.83 4.74
N GLY A 25 12.23 4.35 3.56
CA GLY A 25 12.51 2.98 3.10
C GLY A 25 13.95 2.86 2.59
N SER A 26 14.74 1.92 3.17
CA SER A 26 16.16 1.66 2.83
C SER A 26 16.23 0.37 2.05
N GLY A 27 16.53 0.47 0.77
CA GLY A 27 16.73 -0.72 -0.07
C GLY A 27 16.41 -0.45 -1.51
N TYR A 28 16.94 -1.33 -2.36
CA TYR A 28 16.61 -1.38 -3.79
C TYR A 28 15.17 -1.88 -3.88
N GLY A 29 14.48 -1.51 -4.94
CA GLY A 29 13.14 -2.06 -5.22
C GLY A 29 12.06 -1.28 -4.52
N PHE A 30 12.37 -0.09 -3.98
CA PHE A 30 11.41 0.75 -3.21
C PHE A 30 10.20 1.07 -4.09
N ILE A 31 10.37 1.14 -5.42
CA ILE A 31 9.28 1.58 -6.36
C ILE A 31 8.08 0.63 -6.25
N THR A 32 8.30 -0.59 -5.77
CA THR A 32 7.24 -1.62 -5.75
C THR A 32 6.33 -1.40 -4.55
N TYR A 33 6.95 -0.92 -3.45
CA TYR A 33 6.42 -0.84 -2.06
C TYR A 33 5.36 0.25 -1.96
N TRP A 34 4.31 -0.08 -1.23
CA TRP A 34 3.28 0.86 -0.71
C TRP A 34 3.49 0.95 0.82
N ILE A 35 3.68 2.15 1.36
CA ILE A 35 3.85 2.39 2.81
C ILE A 35 2.48 2.62 3.46
N GLY A 36 2.21 1.91 4.55
CA GLY A 36 0.98 2.00 5.34
C GLY A 36 1.32 2.52 6.73
N TRP A 37 0.40 3.25 7.33
CA TRP A 37 0.52 3.74 8.72
C TRP A 37 -0.48 2.97 9.60
N VAL A 38 0.00 2.50 10.74
CA VAL A 38 -0.83 1.81 11.76
C VAL A 38 -0.68 2.57 13.07
N ARG A 39 -1.80 2.83 13.73
CA ARG A 39 -1.87 3.50 15.06
C ARG A 39 -2.19 2.45 16.11
N GLN A 40 -1.47 2.41 17.23
CA GLN A 40 -1.73 1.47 18.35
C GLN A 40 -1.64 2.22 19.68
N MET A 41 -2.76 2.48 20.35
CA MET A 41 -2.73 3.35 21.55
C MET A 41 -2.37 2.50 22.77
N PRO A 42 -1.76 3.04 23.85
CA PRO A 42 -1.26 2.20 24.95
C PRO A 42 -2.30 1.19 25.49
N GLY A 43 -2.00 -0.12 25.33
CA GLY A 43 -2.84 -1.24 25.79
C GLY A 43 -3.87 -1.71 24.77
N LYS A 44 -4.05 -0.99 23.66
CA LYS A 44 -5.19 -1.18 22.72
C LYS A 44 -4.66 -1.84 21.44
N GLY A 45 -5.54 -2.06 20.46
CA GLY A 45 -5.23 -2.87 19.26
C GLY A 45 -4.36 -2.15 18.23
N LEU A 46 -4.18 -2.75 17.07
CA LEU A 46 -3.69 -2.06 15.85
C LEU A 46 -4.89 -1.40 15.16
N GLU A 47 -4.74 -0.13 14.75
CA GLU A 47 -5.70 0.63 13.88
C GLU A 47 -4.99 1.03 12.59
N TRP A 48 -5.46 0.52 11.45
CA TRP A 48 -4.95 0.89 10.10
C TRP A 48 -5.44 2.30 9.76
N MET A 49 -4.52 3.22 9.49
CA MET A 49 -4.83 4.65 9.24
C MET A 49 -5.07 4.88 7.75
N GLY A 50 -4.04 4.63 6.94
CA GLY A 50 -4.02 4.79 5.48
C GLY A 50 -2.83 4.12 4.83
N ILE A 51 -2.75 4.18 3.50
CA ILE A 51 -1.63 3.62 2.71
C ILE A 51 -1.37 4.56 1.55
N ILE A 52 -0.13 4.63 1.10
CA ILE A 52 0.30 5.54 0.01
C ILE A 52 1.32 4.82 -0.86
N TYR A 53 1.17 4.94 -2.17
CA TYR A 53 2.11 4.45 -3.19
C TYR A 53 2.96 5.63 -3.61
N PRO A 54 4.20 5.77 -3.11
CA PRO A 54 5.00 6.96 -3.38
C PRO A 54 5.27 7.21 -4.89
N GLY A 55 5.07 6.18 -5.73
CA GLY A 55 5.21 6.31 -7.19
C GLY A 55 4.54 7.58 -7.76
N ASP A 56 3.31 7.85 -7.30
CA ASP A 56 2.42 8.94 -7.75
C ASP A 56 1.59 9.44 -6.56
N SER A 57 2.03 9.08 -5.36
CA SER A 57 1.42 9.51 -4.07
C SER A 57 -0.07 9.19 -4.03
N GLU A 58 -0.51 8.08 -4.64
CA GLU A 58 -1.90 7.58 -4.50
C GLU A 58 -2.07 7.16 -3.04
N THR A 59 -2.91 7.83 -2.27
CA THR A 59 -3.10 7.48 -0.85
C THR A 59 -4.57 7.10 -0.63
N ARG A 60 -4.81 6.17 0.29
CA ARG A 60 -6.17 5.78 0.75
C ARG A 60 -6.21 5.93 2.26
N TYR A 61 -7.25 6.59 2.76
CA TYR A 61 -7.51 6.73 4.21
C TYR A 61 -8.59 5.74 4.62
N SER A 62 -8.48 5.24 5.83
CA SER A 62 -9.60 4.57 6.52
C SER A 62 -10.57 5.65 6.96
N PRO A 63 -11.89 5.43 6.76
CA PRO A 63 -12.93 6.30 7.32
C PRO A 63 -12.69 6.85 8.73
N SER A 64 -11.96 6.12 9.59
CA SER A 64 -11.62 6.54 10.98
C SER A 64 -10.61 7.69 10.99
N PHE A 65 -9.90 7.93 9.89
CA PHE A 65 -8.82 8.96 9.83
C PHE A 65 -8.92 9.86 8.60
N GLN A 66 -9.92 9.73 7.70
CA GLN A 66 -10.07 10.66 6.55
C GLN A 66 -10.31 12.07 7.10
N GLY A 67 -9.54 13.05 6.65
CA GLY A 67 -9.71 14.46 7.06
C GLY A 67 -9.12 14.77 8.43
N GLN A 68 -8.67 13.76 9.19
CA GLN A 68 -8.10 13.95 10.55
C GLN A 68 -6.57 13.90 10.47
N VAL A 69 -6.04 13.23 9.45
CA VAL A 69 -4.59 13.24 9.10
C VAL A 69 -4.44 13.29 7.59
N THR A 70 -3.25 13.68 7.15
CA THR A 70 -2.80 13.69 5.73
C THR A 70 -1.54 12.83 5.64
N ILE A 71 -1.44 12.07 4.55
CA ILE A 71 -0.30 11.13 4.28
C ILE A 71 0.35 11.60 2.99
N SER A 72 1.52 12.21 3.11
CA SER A 72 2.37 12.56 1.97
C SER A 72 3.39 11.45 1.77
N ALA A 73 4.13 11.53 0.70
CA ALA A 73 5.33 10.71 0.47
C ALA A 73 6.22 11.50 -0.48
N ASP A 74 7.54 11.48 -0.25
CA ASP A 74 8.55 12.04 -1.19
C ASP A 74 9.31 10.90 -1.86
N LYS A 75 8.93 10.55 -3.08
CA LYS A 75 9.44 9.37 -3.79
C LYS A 75 10.94 9.50 -3.93
N SER A 76 11.43 10.74 -4.00
CA SER A 76 12.83 11.01 -4.39
C SER A 76 13.76 10.65 -3.24
N ILE A 77 13.22 10.41 -2.04
CA ILE A 77 14.01 10.01 -0.83
C ILE A 77 13.43 8.77 -0.14
N ASN A 78 12.54 8.06 -0.84
CA ASN A 78 11.89 6.81 -0.35
C ASN A 78 11.22 7.04 0.99
N THR A 79 10.66 8.21 1.21
CA THR A 79 10.13 8.62 2.52
C THR A 79 8.62 8.73 2.35
N ALA A 80 7.88 8.30 3.36
CA ALA A 80 6.44 8.59 3.52
C ALA A 80 6.26 9.35 4.83
N TYR A 81 5.26 10.22 4.84
CA TYR A 81 4.99 11.17 5.94
C TYR A 81 3.57 10.97 6.49
N LEU A 82 3.43 11.18 7.78
CA LEU A 82 2.13 11.25 8.46
C LEU A 82 2.13 12.58 9.20
N GLN A 83 1.21 13.48 8.84
CA GLN A 83 1.19 14.86 9.37
C GLN A 83 -0.16 15.12 10.02
N TRP A 84 -0.14 15.83 11.15
CA TRP A 84 -1.30 16.53 11.79
C TRP A 84 -1.18 18.05 11.58
N SER A 85 -2.29 18.77 11.78
CA SER A 85 -2.33 20.24 11.76
C SER A 85 -2.47 20.74 13.19
N SER A 86 -3.09 19.95 14.05
CA SER A 86 -3.28 20.30 15.47
C SER A 86 -3.49 19.01 16.27
N LEU A 87 -2.44 18.57 16.96
CA LEU A 87 -2.43 17.34 17.77
C LEU A 87 -3.43 17.47 18.90
N LYS A 88 -4.34 16.50 19.03
CA LYS A 88 -5.29 16.37 20.17
C LYS A 88 -4.64 15.44 21.21
N ALA A 89 -5.11 15.51 22.46
CA ALA A 89 -4.74 14.54 23.51
C ALA A 89 -5.11 13.14 23.01
N SER A 90 -6.18 13.05 22.20
CA SER A 90 -6.66 11.82 21.51
C SER A 90 -5.48 11.06 20.93
N ASP A 91 -4.47 11.79 20.44
CA ASP A 91 -3.51 11.34 19.39
C ASP A 91 -2.28 10.70 20.00
N THR A 92 -2.19 10.60 21.34
CA THR A 92 -1.04 9.98 22.05
C THR A 92 -1.10 8.45 21.84
N ALA A 93 -0.08 7.91 21.20
CA ALA A 93 -0.03 6.50 20.75
C ALA A 93 1.33 6.24 20.12
N ILE A 94 1.58 4.98 19.77
CA ILE A 94 2.71 4.57 18.90
C ILE A 94 2.17 4.46 17.48
N TYR A 95 2.93 4.99 16.52
CA TYR A 95 2.62 4.97 15.07
C TYR A 95 3.69 4.13 14.36
N TYR A 96 3.21 3.08 13.72
CA TYR A 96 4.03 2.16 12.89
C TYR A 96 3.83 2.59 11.44
N CYS A 97 4.91 2.69 10.69
CA CYS A 97 4.86 2.58 9.21
C CYS A 97 5.17 1.11 8.84
N ALA A 98 4.42 0.58 7.86
CA ALA A 98 4.42 -0.85 7.46
C ALA A 98 4.38 -0.94 5.93
N GLY A 99 5.27 -1.75 5.35
CA GLY A 99 5.46 -1.86 3.90
C GLY A 99 5.02 -3.23 3.40
N GLY A 100 4.31 -3.26 2.28
CA GLY A 100 4.16 -4.44 1.40
C GLY A 100 4.32 -4.05 -0.06
N SER A 101 5.09 -4.81 -0.84
CA SER A 101 5.38 -4.44 -2.26
C SER A 101 4.13 -4.69 -3.09
N GLY A 102 3.09 -3.94 -2.82
CA GLY A 102 1.82 -4.05 -3.57
C GLY A 102 0.69 -3.41 -2.83
N ILE A 103 -0.50 -3.42 -3.41
CA ILE A 103 -1.78 -3.13 -2.73
C ILE A 103 -2.47 -4.49 -2.60
N SER A 104 -3.38 -4.70 -1.66
CA SER A 104 -3.93 -6.05 -1.34
C SER A 104 -2.75 -7.02 -1.17
N THR A 105 -1.80 -6.64 -0.32
CA THR A 105 -0.60 -7.44 -0.04
C THR A 105 -0.44 -7.45 1.47
N PRO A 106 0.07 -8.56 2.05
CA PRO A 106 0.46 -8.57 3.47
C PRO A 106 1.58 -7.55 3.77
N MET A 107 1.57 -6.88 4.91
CA MET A 107 2.62 -5.87 5.21
C MET A 107 3.78 -6.61 5.89
N ASP A 108 4.82 -6.92 5.10
CA ASP A 108 5.94 -7.83 5.45
C ASP A 108 7.12 -7.06 6.05
N VAL A 109 7.07 -5.74 6.04
CA VAL A 109 8.14 -4.88 6.63
C VAL A 109 7.48 -3.94 7.62
N TRP A 110 8.04 -3.81 8.82
CA TRP A 110 7.53 -2.93 9.91
C TRP A 110 8.70 -2.14 10.45
N GLY A 111 8.57 -0.81 10.51
CA GLY A 111 9.53 0.04 11.26
C GLY A 111 9.45 -0.20 12.77
N GLN A 112 10.45 0.32 13.50
CA GLN A 112 10.54 0.32 14.97
C GLN A 112 9.33 1.07 15.59
N GLY A 113 8.59 1.91 14.83
CA GLY A 113 7.49 2.77 15.33
C GLY A 113 7.98 4.06 16.00
N THR A 114 7.15 5.11 16.02
CA THR A 114 7.45 6.40 16.69
C THR A 114 6.34 6.66 17.70
N THR A 115 6.69 6.89 18.96
CA THR A 115 5.70 7.18 20.01
C THR A 115 5.53 8.70 20.09
N VAL A 116 4.31 9.22 19.89
CA VAL A 116 3.98 10.67 20.06
C VAL A 116 3.09 10.86 21.29
N THR A 117 3.39 11.84 22.14
CA THR A 117 2.71 12.07 23.45
C THR A 117 2.36 13.56 23.57
N VAL A 118 1.07 13.87 23.81
CA VAL A 118 0.48 15.23 23.65
C VAL A 118 0.11 15.78 25.04
N ALA A 119 1.10 16.21 25.86
CA ALA A 119 0.91 16.82 27.21
C ALA A 119 2.26 17.23 27.84
N SER A 120 2.25 18.20 28.77
CA SER A 120 3.47 18.75 29.44
C SER A 120 4.09 17.70 30.37
N THR A 121 5.42 17.71 30.50
CA THR A 121 6.20 16.68 31.25
C THR A 121 6.37 17.11 32.72
N LYS A 122 6.40 16.13 33.62
CA LYS A 122 6.64 16.32 35.07
C LYS A 122 7.53 15.18 35.59
N GLY A 123 8.52 15.50 36.42
CA GLY A 123 9.48 14.54 36.97
C GLY A 123 8.82 13.68 38.03
N PRO A 124 9.30 12.42 38.23
CA PRO A 124 8.76 11.54 39.28
C PRO A 124 9.29 11.87 40.68
N SER A 125 8.44 11.74 41.70
CA SER A 125 8.85 11.69 43.13
C SER A 125 9.10 10.23 43.52
N VAL A 126 10.23 9.96 44.18
CA VAL A 126 10.68 8.58 44.52
C VAL A 126 10.62 8.42 46.04
N PHE A 127 9.84 7.44 46.50
CA PHE A 127 9.59 7.15 47.93
C PHE A 127 9.97 5.70 48.20
N PRO A 128 10.73 5.43 49.27
CA PRO A 128 11.16 4.08 49.60
C PRO A 128 10.07 3.25 50.29
N LEU A 129 10.03 1.96 49.99
CA LEU A 129 9.21 0.95 50.71
C LEU A 129 10.19 0.07 51.49
N ALA A 130 10.45 0.43 52.74
CA ALA A 130 11.41 -0.29 53.60
C ALA A 130 10.79 -1.62 54.04
N PRO A 131 11.62 -2.66 54.25
CA PRO A 131 11.11 -3.94 54.74
C PRO A 131 10.82 -3.97 56.25
N SER A 132 10.27 -5.11 56.68
CA SER A 132 10.17 -5.63 58.08
C SER A 132 10.41 -7.15 58.06
N SER A 133 10.51 -7.75 59.24
CA SER A 133 11.01 -9.13 59.50
C SER A 133 10.27 -10.12 58.59
N GLY A 134 12.67 -12.82 59.85
CA GLY A 134 11.81 -13.93 59.41
C GLY A 134 12.56 -14.85 58.48
N GLY A 135 12.03 -15.06 57.27
CA GLY A 135 12.67 -15.92 56.25
C GLY A 135 13.48 -15.07 55.29
N THR A 136 12.89 -14.76 54.15
CA THR A 136 13.40 -13.79 53.15
C THR A 136 12.34 -12.68 52.98
N ALA A 137 12.72 -11.40 52.96
CA ALA A 137 11.79 -10.24 52.97
C ALA A 137 11.79 -9.49 51.62
N ALA A 138 10.72 -8.72 51.38
CA ALA A 138 10.56 -7.84 50.21
C ALA A 138 10.80 -6.38 50.61
N LEU A 139 11.22 -5.55 49.65
CA LEU A 139 11.49 -4.09 49.78
C LEU A 139 11.40 -3.47 48.37
N GLY A 140 11.31 -2.13 48.27
CA GLY A 140 11.09 -1.48 46.96
C GLY A 140 11.12 0.05 46.98
N CYS A 141 10.88 0.64 45.81
CA CYS A 141 10.77 2.09 45.53
C CYS A 141 9.36 2.37 45.01
N LEU A 142 8.75 3.46 45.46
CA LEU A 142 7.50 3.97 44.86
C LEU A 142 7.84 5.15 43.94
N VAL A 143 7.69 4.98 42.63
CA VAL A 143 7.91 6.08 41.67
C VAL A 143 6.53 6.68 41.35
N LYS A 144 6.27 7.88 41.82
CA LYS A 144 4.88 8.41 41.88
C LYS A 144 4.82 9.78 41.22
N ASP A 145 3.68 10.08 40.59
CA ASP A 145 3.31 11.41 40.03
C ASP A 145 4.34 11.88 39.00
N TYR A 146 4.23 11.42 37.76
CA TYR A 146 5.12 11.77 36.63
C TYR A 146 4.36 11.66 35.29
N PHE A 147 4.88 12.35 34.26
CA PHE A 147 4.32 12.32 32.88
C PHE A 147 5.42 12.68 31.88
N PRO A 148 5.50 12.02 30.70
CA PRO A 148 4.83 10.74 30.44
C PRO A 148 5.74 9.53 30.73
N GLU A 149 5.30 8.34 30.35
CA GLU A 149 6.15 7.12 30.45
C GLU A 149 7.22 7.24 29.37
N PRO A 150 8.36 6.52 29.47
CA PRO A 150 8.59 5.53 30.53
C PRO A 150 9.25 6.13 31.77
N VAL A 151 9.31 5.37 32.85
CA VAL A 151 10.38 5.55 33.87
C VAL A 151 11.08 4.20 34.03
N THR A 152 12.41 4.18 34.07
CA THR A 152 13.20 2.95 34.32
C THR A 152 13.74 2.98 35.76
N VAL A 153 13.84 1.80 36.37
CA VAL A 153 14.47 1.62 37.71
C VAL A 153 15.35 0.37 37.69
N SER A 154 16.60 0.51 38.15
CA SER A 154 17.54 -0.60 38.38
C SER A 154 17.93 -0.56 39.86
N TRP A 155 18.53 -1.62 40.35
CA TRP A 155 18.85 -1.79 41.79
C TRP A 155 20.36 -2.00 41.94
N ASN A 156 21.05 -1.14 42.68
CA ASN A 156 22.54 -1.15 42.79
C ASN A 156 23.10 -1.13 41.35
N SER A 157 22.45 -0.35 40.47
CA SER A 157 22.82 -0.09 39.05
C SER A 157 22.76 -1.36 38.19
N GLY A 158 22.12 -2.44 38.64
CA GLY A 158 22.08 -3.73 37.91
C GLY A 158 22.86 -4.83 38.61
N ALA A 159 23.49 -4.56 39.78
CA ALA A 159 24.12 -5.58 40.64
C ALA A 159 23.06 -6.51 41.26
N LEU A 160 21.78 -6.15 41.14
CA LEU A 160 20.60 -6.97 41.50
C LEU A 160 19.69 -7.12 40.28
N THR A 161 19.71 -8.27 39.60
CA THR A 161 18.64 -8.64 38.63
C THR A 161 17.76 -9.70 39.28
N SER A 162 18.29 -10.45 40.25
CA SER A 162 17.61 -11.57 40.97
C SER A 162 16.40 -11.06 41.76
N GLY A 163 15.20 -11.58 41.46
CA GLY A 163 13.96 -11.42 42.26
C GLY A 163 13.32 -10.06 42.13
N VAL A 164 13.57 -9.35 41.03
CA VAL A 164 13.08 -7.94 40.83
C VAL A 164 11.75 -8.00 40.07
N HIS A 165 10.74 -7.26 40.55
CA HIS A 165 9.48 -6.98 39.83
C HIS A 165 9.21 -5.47 39.86
N THR A 166 9.31 -4.82 38.71
CA THR A 166 8.91 -3.41 38.54
C THR A 166 7.52 -3.42 37.90
N PHE A 167 6.55 -2.73 38.49
CA PHE A 167 5.14 -2.88 38.08
C PHE A 167 4.83 -1.98 36.91
N PRO A 168 3.93 -2.41 35.97
CA PRO A 168 3.34 -1.55 34.97
C PRO A 168 2.64 -0.37 35.60
N ALA A 169 3.03 0.83 35.14
CA ALA A 169 2.50 2.11 35.61
C ALA A 169 1.00 2.12 35.35
N VAL A 170 0.31 2.78 36.24
CA VAL A 170 -1.15 2.95 36.17
C VAL A 170 -1.33 4.46 36.23
N LEU A 171 -1.95 5.02 35.22
CA LEU A 171 -2.25 6.47 35.26
C LEU A 171 -3.33 6.72 36.31
N GLN A 172 -3.01 7.51 37.33
CA GLN A 172 -3.94 7.87 38.42
C GLN A 172 -4.99 8.86 37.91
N SER A 173 -6.01 9.13 38.73
CA SER A 173 -6.99 10.21 38.52
C SER A 173 -6.24 11.54 38.46
N SER A 174 -5.00 11.58 38.97
CA SER A 174 -4.09 12.77 38.97
C SER A 174 -3.74 13.18 37.54
N GLY A 175 -3.86 12.29 36.56
CA GLY A 175 -3.41 12.55 35.18
C GLY A 175 -1.91 12.43 35.14
N LEU A 176 -1.33 11.92 36.22
CA LEU A 176 0.10 11.58 36.35
C LEU A 176 0.21 10.07 36.55
N TYR A 177 1.32 9.50 36.10
CA TYR A 177 1.60 8.06 36.20
C TYR A 177 2.07 7.77 37.62
N SER A 178 1.94 6.51 38.04
CA SER A 178 2.62 5.97 39.25
C SER A 178 2.88 4.48 39.05
N LEU A 179 4.01 4.00 39.57
CA LEU A 179 4.32 2.54 39.67
C LEU A 179 5.22 2.25 40.89
N SER A 180 5.22 0.98 41.33
CA SER A 180 6.09 0.47 42.41
C SER A 180 7.19 -0.40 41.77
N SER A 181 8.37 -0.44 42.37
CA SER A 181 9.42 -1.40 41.96
C SER A 181 9.93 -2.10 43.20
N VAL A 182 9.77 -3.41 43.26
CA VAL A 182 10.04 -4.19 44.50
C VAL A 182 11.09 -5.26 44.15
N VAL A 183 11.79 -5.75 45.16
CA VAL A 183 12.75 -6.88 45.03
C VAL A 183 12.76 -7.64 46.35
N THR A 184 12.92 -8.95 46.26
CA THR A 184 12.89 -9.89 47.42
C THR A 184 14.33 -10.34 47.68
N VAL A 185 14.80 -10.22 48.92
CA VAL A 185 16.21 -10.56 49.28
C VAL A 185 16.19 -11.33 50.58
N PRO A 186 17.18 -12.20 50.85
CA PRO A 186 17.26 -12.92 52.13
C PRO A 186 17.32 -11.97 53.32
N SER A 187 16.54 -12.21 54.39
CA SER A 187 16.50 -11.36 55.60
C SER A 187 17.93 -11.19 56.13
N SER A 188 18.81 -12.15 55.82
CA SER A 188 20.27 -12.13 56.08
C SER A 188 20.86 -10.79 55.62
N SER A 189 20.60 -10.42 54.36
CA SER A 189 21.36 -9.38 53.61
C SER A 189 20.81 -7.97 53.90
N LEU A 190 19.61 -7.84 54.47
CA LEU A 190 18.92 -6.53 54.71
C LEU A 190 19.81 -5.58 55.51
N GLY A 191 20.64 -6.10 56.43
CA GLY A 191 21.46 -5.34 57.40
C GLY A 191 22.94 -5.36 57.08
N THR A 192 23.31 -5.97 55.95
CA THR A 192 24.71 -6.09 55.46
C THR A 192 24.88 -5.25 54.19
N GLN A 193 24.26 -5.72 53.10
CA GLN A 193 24.28 -5.03 51.79
C GLN A 193 23.15 -3.99 51.75
N THR A 194 23.45 -2.79 51.26
CA THR A 194 22.46 -1.70 51.06
C THR A 194 21.91 -1.83 49.63
N TYR A 195 20.62 -1.56 49.46
CA TYR A 195 19.88 -1.65 48.18
C TYR A 195 19.40 -0.27 47.78
N ILE A 196 19.91 0.20 46.65
CA ILE A 196 19.59 1.56 46.14
C ILE A 196 18.93 1.39 44.78
N CYS A 197 17.75 1.97 44.61
CA CYS A 197 17.02 1.97 43.32
C CYS A 197 17.42 3.23 42.56
N ASN A 198 17.73 3.04 41.28
CA ASN A 198 18.20 4.11 40.37
C ASN A 198 17.08 4.32 39.34
N VAL A 199 16.32 5.41 39.46
CA VAL A 199 15.16 5.68 38.55
C VAL A 199 15.54 6.80 37.57
N ASN A 200 15.32 6.55 36.28
CA ASN A 200 15.53 7.55 35.20
C ASN A 200 14.16 7.91 34.63
N HIS A 201 13.80 9.19 34.63
CA HIS A 201 12.68 9.71 33.80
C HIS A 201 13.28 10.65 32.76
N LYS A 202 13.48 10.18 31.53
CA LYS A 202 14.19 10.93 30.47
C LYS A 202 13.33 12.10 29.98
N PRO A 203 12.00 12.00 29.74
CA PRO A 203 11.22 13.18 29.31
C PRO A 203 11.33 14.44 30.21
N SER A 204 11.61 14.35 31.50
CA SER A 204 11.92 15.51 32.40
C SER A 204 13.41 15.59 32.71
N ASN A 205 14.18 14.60 32.20
CA ASN A 205 15.65 14.44 32.31
C ASN A 205 16.06 14.49 33.78
N THR A 206 15.30 13.80 34.65
CA THR A 206 15.59 13.65 36.09
C THR A 206 15.89 12.18 36.38
N LYS A 207 17.01 11.93 37.07
CA LYS A 207 17.51 10.58 37.43
C LYS A 207 17.80 10.59 38.92
N VAL A 208 16.99 9.85 39.70
CA VAL A 208 16.91 9.92 41.19
C VAL A 208 17.35 8.57 41.75
N ASP A 209 18.13 8.56 42.85
CA ASP A 209 18.58 7.32 43.54
C ASP A 209 18.26 7.40 45.06
N LYS A 210 17.19 6.73 45.47
CA LYS A 210 16.77 6.61 46.89
C LYS A 210 17.26 5.27 47.44
N LYS A 211 17.96 5.31 48.58
CA LYS A 211 18.35 4.06 49.27
C LYS A 211 17.20 3.68 50.16
N VAL A 212 16.91 2.38 50.21
CA VAL A 212 15.88 1.81 51.08
C VAL A 212 16.61 1.06 52.21
N GLU A 213 16.07 1.13 53.43
CA GLU A 213 16.57 0.39 54.62
C GLU A 213 15.53 0.52 55.72
N PRO A 214 15.44 -0.45 56.65
CA PRO A 214 14.50 -0.35 57.76
C PRO A 214 14.78 0.85 58.67
N LYS A 215 13.72 1.37 59.30
CA LYS A 215 13.73 2.48 60.29
C LYS A 215 13.41 1.87 61.67
N SER A 216 13.59 2.60 62.79
CA SER A 216 13.31 2.09 64.16
C SER A 216 11.90 1.47 64.22
N ASP B 1 -17.30 -2.46 3.45
CA ASP B 1 -16.26 -2.48 4.54
C ASP B 1 -16.34 -3.80 5.31
N ILE B 2 -15.22 -4.54 5.39
CA ILE B 2 -15.10 -5.85 6.10
C ILE B 2 -14.74 -5.61 7.55
N GLN B 3 -15.32 -6.39 8.47
CA GLN B 3 -14.95 -6.38 9.90
C GLN B 3 -14.68 -7.80 10.37
N LEU B 4 -13.59 -7.94 11.13
CA LEU B 4 -13.05 -9.22 11.63
C LEU B 4 -13.13 -9.18 13.16
N THR B 5 -13.63 -10.28 13.72
CA THR B 5 -13.66 -10.51 15.18
C THR B 5 -13.06 -11.89 15.45
N GLN B 6 -12.09 -11.94 16.36
CA GLN B 6 -11.40 -13.17 16.78
C GLN B 6 -12.14 -13.77 17.98
N SER B 7 -12.07 -15.09 18.15
CA SER B 7 -12.48 -15.82 19.38
C SER B 7 -11.43 -16.86 19.70
N PRO B 8 -10.95 -16.98 20.97
CA PRO B 8 -11.37 -16.14 22.07
C PRO B 8 -10.62 -14.80 22.17
N ASP B 9 -11.01 -13.99 23.14
CA ASP B 9 -10.33 -12.71 23.48
C ASP B 9 -8.99 -13.04 24.11
N SER B 10 -9.00 -13.85 25.15
CA SER B 10 -7.77 -14.24 25.87
C SER B 10 -7.68 -15.75 25.89
N LEU B 11 -6.52 -16.28 26.26
CA LEU B 11 -6.24 -17.74 26.14
C LEU B 11 -5.00 -18.10 26.98
N ALA B 12 -5.14 -19.16 27.80
CA ALA B 12 -4.05 -19.79 28.59
C ALA B 12 -4.00 -21.28 28.24
N VAL B 13 -2.80 -21.75 27.89
CA VAL B 13 -2.51 -23.15 27.47
C VAL B 13 -1.18 -23.51 28.11
N SER B 14 -1.04 -24.73 28.60
CA SER B 14 0.20 -25.22 29.24
C SER B 14 1.25 -25.47 28.15
N LEU B 15 2.55 -25.32 28.46
CA LEU B 15 3.68 -25.75 27.58
C LEU B 15 3.28 -27.01 26.82
N GLY B 16 3.67 -27.13 25.58
CA GLY B 16 3.58 -28.41 24.86
C GLY B 16 2.20 -28.66 24.31
N GLU B 17 1.18 -27.99 24.82
CA GLU B 17 -0.22 -28.19 24.33
C GLU B 17 -0.44 -27.27 23.13
N ARG B 18 -1.61 -27.36 22.48
CA ARG B 18 -1.97 -26.52 21.30
C ARG B 18 -2.97 -25.44 21.71
N ALA B 19 -2.75 -24.24 21.20
CA ALA B 19 -3.69 -23.11 21.20
C ALA B 19 -4.18 -22.92 19.76
N THR B 20 -5.45 -22.60 19.64
CA THR B 20 -6.10 -22.25 18.38
C THR B 20 -6.84 -20.94 18.60
N ILE B 21 -6.94 -20.12 17.55
CA ILE B 21 -7.56 -18.76 17.54
C ILE B 21 -8.46 -18.63 16.30
N ASN B 22 -9.78 -18.46 16.50
CA ASN B 22 -10.73 -18.17 15.39
C ASN B 22 -10.61 -16.71 14.95
N CYS B 23 -10.97 -16.41 13.70
CA CYS B 23 -11.09 -15.04 13.13
C CYS B 23 -12.15 -15.05 12.03
N LYS B 24 -13.33 -14.54 12.36
CA LYS B 24 -14.49 -14.56 11.45
C LYS B 24 -14.64 -13.14 10.90
N SER B 25 -14.93 -13.03 9.60
CA SER B 25 -14.96 -11.76 8.82
C SER B 25 -16.40 -11.45 8.43
N SER B 26 -16.73 -10.18 8.23
CA SER B 26 -18.08 -9.71 7.80
C SER B 26 -18.39 -10.29 6.42
N GLN B 27 -17.40 -10.31 5.55
CA GLN B 27 -17.60 -10.73 4.16
C GLN B 27 -16.37 -11.54 3.72
N SER B 28 -16.59 -12.43 2.77
CA SER B 28 -15.56 -13.36 2.24
C SER B 28 -14.43 -12.59 1.56
N VAL B 29 -13.22 -13.09 1.72
CA VAL B 29 -11.96 -12.46 1.24
C VAL B 29 -11.25 -13.38 0.26
N LEU B 30 -11.98 -13.95 -0.71
CA LEU B 30 -11.37 -14.87 -1.71
C LEU B 30 -11.21 -14.17 -3.06
N TYR B 31 -9.96 -14.01 -3.50
CA TYR B 31 -9.63 -13.73 -4.92
C TYR B 31 -9.92 -14.98 -5.72
N SER B 32 -10.41 -14.76 -6.94
CA SER B 32 -10.80 -15.80 -7.90
C SER B 32 -9.69 -15.97 -8.93
N SER B 33 -8.86 -14.94 -9.10
CA SER B 33 -7.71 -14.93 -10.04
C SER B 33 -6.86 -16.16 -9.77
N ILE B 34 -6.64 -16.34 -8.48
CA ILE B 34 -5.82 -17.39 -7.84
C ILE B 34 -6.65 -17.80 -6.61
N ASN B 35 -6.99 -19.09 -6.49
CA ASN B 35 -7.90 -19.57 -5.43
C ASN B 35 -7.21 -19.33 -4.09
N LYS B 36 -7.00 -18.07 -3.69
CA LYS B 36 -6.34 -17.75 -2.40
C LYS B 36 -7.27 -16.84 -1.58
N ASN B 37 -7.27 -17.01 -0.27
CA ASN B 37 -7.95 -16.13 0.71
C ASN B 37 -6.97 -15.03 1.15
N TYR B 38 -7.42 -13.78 1.18
CA TYR B 38 -6.59 -12.59 1.54
C TYR B 38 -6.78 -12.27 3.01
N LEU B 39 -6.18 -13.08 3.88
CA LEU B 39 -6.19 -12.89 5.37
C LEU B 39 -4.84 -13.30 5.95
N ALA B 40 -4.38 -12.69 7.01
CA ALA B 40 -3.02 -12.91 7.53
C ALA B 40 -3.07 -12.83 9.05
N TRP B 41 -1.98 -13.26 9.70
CA TRP B 41 -1.87 -13.47 11.16
C TRP B 41 -0.59 -12.77 11.67
N TYR B 42 -0.77 -11.84 12.60
CA TYR B 42 0.34 -11.05 13.18
C TYR B 42 0.51 -11.41 14.67
N GLN B 43 1.77 -11.54 15.07
CA GLN B 43 2.23 -11.73 16.47
C GLN B 43 2.90 -10.43 16.93
N GLN B 44 2.49 -9.90 18.09
CA GLN B 44 3.12 -8.70 18.72
C GLN B 44 3.39 -8.94 20.21
N LYS B 45 4.66 -8.83 20.56
CA LYS B 45 5.14 -8.98 21.95
C LYS B 45 5.29 -7.56 22.46
N PRO B 46 5.18 -7.34 23.77
CA PRO B 46 5.38 -6.00 24.35
C PRO B 46 6.71 -5.37 23.95
N GLY B 47 6.67 -4.19 23.35
CA GLY B 47 7.84 -3.38 22.98
C GLY B 47 8.46 -3.83 21.66
N GLN B 48 7.65 -4.45 20.82
CA GLN B 48 8.09 -5.00 19.53
C GLN B 48 7.09 -4.61 18.43
N PRO B 49 7.57 -4.43 17.20
CA PRO B 49 6.69 -4.25 16.05
C PRO B 49 5.91 -5.52 15.75
N PRO B 50 4.69 -5.49 15.16
CA PRO B 50 3.99 -6.71 14.73
C PRO B 50 4.84 -7.57 13.80
N LYS B 51 4.83 -8.89 13.96
CA LYS B 51 5.57 -9.79 13.07
C LYS B 51 4.52 -10.57 12.26
N LEU B 52 4.70 -10.59 10.95
CA LEU B 52 3.89 -11.43 10.06
C LEU B 52 4.33 -12.89 10.30
N LEU B 53 3.37 -13.77 10.60
CA LEU B 53 3.57 -15.25 10.68
C LEU B 53 2.91 -15.90 9.46
N ILE B 54 1.64 -15.62 9.17
CA ILE B 54 0.87 -16.33 8.10
C ILE B 54 0.28 -15.29 7.17
N TYR B 55 0.37 -15.53 5.86
CA TYR B 55 -0.38 -14.81 4.78
C TYR B 55 -1.06 -15.81 3.86
N TRP B 56 -2.00 -15.32 3.06
CA TRP B 56 -2.94 -16.13 2.26
C TRP B 56 -3.61 -17.17 3.15
N ALA B 57 -3.91 -16.83 4.40
CA ALA B 57 -4.67 -17.60 5.42
C ALA B 57 -3.86 -18.78 5.95
N SER B 58 -3.00 -19.37 5.10
CA SER B 58 -2.40 -20.71 5.30
C SER B 58 -0.91 -20.78 4.90
N THR B 59 -0.28 -19.75 4.36
CA THR B 59 1.16 -19.82 3.96
C THR B 59 2.00 -19.18 5.07
N ARG B 60 3.06 -19.89 5.50
CA ARG B 60 3.92 -19.45 6.62
C ARG B 60 4.88 -18.42 6.05
N GLU B 61 5.29 -17.42 6.83
CA GLU B 61 6.21 -16.35 6.37
C GLU B 61 7.61 -16.85 6.71
N SER B 62 8.63 -16.35 6.03
CA SER B 62 10.04 -16.71 6.33
C SER B 62 10.32 -16.48 7.82
N GLY B 63 11.09 -17.39 8.45
CA GLY B 63 11.67 -17.26 9.81
C GLY B 63 10.65 -17.45 10.93
N VAL B 64 9.58 -18.18 10.58
CA VAL B 64 8.43 -18.52 11.46
C VAL B 64 8.55 -20.01 11.70
N PRO B 65 8.46 -20.44 12.99
CA PRO B 65 8.63 -21.85 13.32
C PRO B 65 7.48 -22.70 12.80
N ASP B 66 7.80 -23.98 12.54
CA ASP B 66 6.97 -25.05 11.93
C ASP B 66 5.61 -25.16 12.65
N ARG B 67 5.56 -24.99 13.98
CA ARG B 67 4.39 -25.30 14.85
C ARG B 67 3.21 -24.37 14.55
N PHE B 68 3.51 -23.17 14.02
CA PHE B 68 2.52 -22.14 13.60
C PHE B 68 1.90 -22.55 12.30
N SER B 69 0.60 -22.54 12.26
CA SER B 69 -0.11 -23.06 11.10
C SER B 69 -1.41 -22.29 10.97
N GLY B 70 -1.71 -21.76 9.79
CA GLY B 70 -2.96 -20.99 9.56
C GLY B 70 -3.86 -21.80 8.66
N SER B 71 -5.19 -21.69 8.82
CA SER B 71 -6.16 -22.44 7.99
C SER B 71 -7.49 -21.69 7.93
N GLY B 72 -8.50 -22.29 7.32
CA GLY B 72 -9.83 -21.70 7.12
C GLY B 72 -10.07 -21.31 5.66
N SER B 73 -11.32 -21.03 5.30
CA SER B 73 -11.77 -20.50 3.99
C SER B 73 -13.08 -19.74 4.16
N GLY B 74 -13.35 -18.82 3.23
CA GLY B 74 -14.57 -18.00 3.16
C GLY B 74 -14.58 -16.89 4.20
N THR B 75 -15.11 -17.20 5.38
CA THR B 75 -15.52 -16.24 6.43
C THR B 75 -14.88 -16.63 7.75
N ASP B 76 -14.61 -17.91 7.96
CA ASP B 76 -14.03 -18.43 9.22
C ASP B 76 -12.60 -18.88 8.93
N PHE B 77 -11.66 -18.43 9.77
CA PHE B 77 -10.23 -18.82 9.71
C PHE B 77 -9.76 -19.12 11.15
N THR B 78 -8.68 -19.89 11.27
CA THR B 78 -8.05 -20.29 12.56
C THR B 78 -6.52 -20.25 12.41
N LEU B 79 -5.81 -19.90 13.48
CA LEU B 79 -4.32 -20.02 13.57
C LEU B 79 -4.00 -20.90 14.77
N THR B 80 -3.41 -22.06 14.52
CA THR B 80 -3.16 -23.09 15.55
C THR B 80 -1.65 -23.22 15.79
N ILE B 81 -1.26 -22.96 17.02
CA ILE B 81 0.13 -23.15 17.50
C ILE B 81 0.19 -24.52 18.16
N SER B 82 0.59 -25.58 17.46
CA SER B 82 0.94 -26.88 18.11
C SER B 82 2.15 -26.68 19.01
N SER B 83 2.23 -27.42 20.11
CA SER B 83 3.44 -27.49 20.97
C SER B 83 3.77 -26.08 21.43
N LEU B 84 2.86 -25.42 22.16
CA LEU B 84 3.08 -24.04 22.63
C LEU B 84 4.45 -23.99 23.30
N GLN B 85 5.11 -22.85 23.26
CA GLN B 85 6.44 -22.73 23.84
C GLN B 85 6.51 -21.47 24.67
N ALA B 86 7.61 -21.33 25.41
CA ALA B 86 7.90 -20.12 26.22
C ALA B 86 7.70 -18.88 25.34
N GLU B 87 8.58 -18.78 24.33
CA GLU B 87 8.77 -17.61 23.45
C GLU B 87 7.59 -17.47 22.48
N ASP B 88 6.49 -18.18 22.67
CA ASP B 88 5.23 -17.94 21.90
C ASP B 88 4.31 -16.93 22.61
N VAL B 89 4.53 -16.62 23.88
CA VAL B 89 3.55 -15.81 24.67
C VAL B 89 3.51 -14.38 24.07
N ALA B 90 2.35 -13.94 23.54
CA ALA B 90 2.16 -12.65 22.81
C ALA B 90 0.68 -12.37 22.48
N VAL B 91 0.37 -11.29 21.76
CA VAL B 91 -0.98 -11.02 21.18
C VAL B 91 -0.98 -11.33 19.67
N TYR B 92 -2.04 -11.97 19.20
CA TYR B 92 -2.13 -12.47 17.81
C TYR B 92 -3.24 -11.67 17.17
N TYR B 93 -2.93 -10.93 16.11
CA TYR B 93 -3.97 -10.23 15.32
C TYR B 93 -4.15 -10.91 13.95
N CYS B 94 -5.40 -11.14 13.57
CA CYS B 94 -5.73 -11.47 12.17
C CYS B 94 -6.02 -10.15 11.46
N GLN B 95 -5.80 -10.13 10.15
CA GLN B 95 -5.87 -8.93 9.27
C GLN B 95 -6.22 -9.39 7.87
N GLN B 96 -7.15 -8.69 7.20
CA GLN B 96 -7.46 -8.90 5.77
C GLN B 96 -6.80 -7.77 4.97
N TYR B 97 -6.47 -8.09 3.72
CA TYR B 97 -5.83 -7.20 2.71
C TYR B 97 -6.55 -7.42 1.37
N TYR B 98 -7.78 -7.92 1.43
CA TYR B 98 -8.62 -8.24 0.25
C TYR B 98 -8.88 -6.90 -0.44
N SER B 99 -9.28 -5.92 0.36
CA SER B 99 -9.69 -4.56 -0.06
C SER B 99 -9.12 -3.53 0.91
N THR B 100 -8.91 -2.30 0.45
CA THR B 100 -8.79 -1.11 1.34
C THR B 100 -10.20 -0.57 1.62
N PRO B 101 -10.48 -0.10 2.85
CA PRO B 101 -9.46 -0.02 3.88
C PRO B 101 -9.15 -1.40 4.49
N TYR B 102 -7.86 -1.68 4.71
CA TYR B 102 -7.38 -2.83 5.51
C TYR B 102 -8.00 -2.73 6.91
N THR B 103 -8.35 -3.88 7.51
CA THR B 103 -8.98 -3.96 8.85
C THR B 103 -8.36 -5.14 9.63
N PHE B 104 -8.19 -4.98 10.95
CA PHE B 104 -7.65 -6.01 11.89
C PHE B 104 -8.77 -6.59 12.76
N GLY B 105 -8.49 -7.71 13.44
CA GLY B 105 -9.30 -8.25 14.55
C GLY B 105 -8.97 -7.52 15.84
N GLN B 106 -9.70 -7.83 16.91
CA GLN B 106 -9.46 -7.18 18.22
C GLN B 106 -8.13 -7.64 18.80
N GLY B 107 -7.61 -8.78 18.35
CA GLY B 107 -6.38 -9.40 18.89
C GLY B 107 -6.69 -10.43 19.95
N THR B 108 -5.77 -11.35 20.21
CA THR B 108 -5.96 -12.46 21.16
C THR B 108 -4.68 -12.65 21.99
N LYS B 109 -4.77 -12.63 23.32
CA LYS B 109 -3.60 -12.92 24.19
C LYS B 109 -3.48 -14.42 24.34
N VAL B 110 -2.25 -14.94 24.25
CA VAL B 110 -1.91 -16.34 24.66
C VAL B 110 -0.87 -16.29 25.78
N GLU B 111 -1.08 -17.10 26.84
CA GLU B 111 -0.15 -17.20 27.98
C GLU B 111 0.03 -18.67 28.41
N ILE B 112 0.98 -18.95 29.30
CA ILE B 112 1.27 -20.32 29.81
C ILE B 112 0.31 -20.67 30.96
N LYS B 113 -0.32 -21.84 30.88
CA LYS B 113 -1.13 -22.44 31.97
C LYS B 113 -0.18 -23.12 32.96
N ARG B 114 -0.47 -23.06 34.24
CA ARG B 114 0.47 -23.48 35.31
C ARG B 114 -0.31 -24.03 36.51
N THR B 115 0.31 -24.91 37.29
CA THR B 115 -0.16 -25.28 38.65
C THR B 115 -0.42 -23.98 39.42
N VAL B 116 -1.48 -23.93 40.25
CA VAL B 116 -1.78 -22.73 41.09
C VAL B 116 -0.60 -22.54 42.05
N ALA B 117 -0.22 -21.29 42.25
CA ALA B 117 0.79 -20.90 43.25
C ALA B 117 0.18 -19.77 44.06
N ALA B 118 0.13 -19.96 45.37
CA ALA B 118 -0.40 -18.95 46.31
C ALA B 118 0.54 -17.77 46.25
N PRO B 119 0.03 -16.52 46.34
CA PRO B 119 0.88 -15.34 46.48
C PRO B 119 1.48 -15.20 47.89
N SER B 120 2.73 -14.70 47.95
CA SER B 120 3.36 -14.18 49.20
C SER B 120 3.02 -12.69 49.29
N VAL B 121 2.20 -12.32 50.27
CA VAL B 121 1.67 -10.94 50.42
C VAL B 121 2.58 -10.17 51.37
N PHE B 122 2.89 -8.93 51.00
CA PHE B 122 3.49 -7.94 51.91
C PHE B 122 2.77 -6.62 51.74
N ILE B 123 2.80 -5.83 52.80
CA ILE B 123 2.15 -4.50 52.88
C ILE B 123 3.26 -3.49 53.18
N PHE B 124 3.23 -2.34 52.51
CA PHE B 124 4.15 -1.20 52.77
C PHE B 124 3.33 -0.01 53.29
N PRO B 125 3.56 0.43 54.54
CA PRO B 125 3.00 1.68 55.06
C PRO B 125 3.62 2.85 54.31
N PRO B 126 3.07 4.08 54.37
CA PRO B 126 3.57 5.17 53.54
C PRO B 126 4.97 5.60 53.99
N SER B 127 5.79 6.05 53.02
CA SER B 127 7.09 6.74 53.26
C SER B 127 6.85 7.86 54.27
N ASP B 128 7.89 8.25 55.02
CA ASP B 128 7.81 9.42 55.91
C ASP B 128 8.16 10.68 55.11
N GLU B 129 8.93 10.52 54.04
CA GLU B 129 9.17 11.61 53.06
C GLU B 129 7.88 11.91 52.31
N GLN B 130 7.10 10.88 51.98
CA GLN B 130 5.88 11.06 51.17
C GLN B 130 4.90 11.92 51.96
N LEU B 131 4.89 11.74 53.28
CA LEU B 131 3.93 12.39 54.20
C LEU B 131 4.23 13.89 54.30
N LYS B 132 5.38 14.32 53.79
CA LYS B 132 5.73 15.75 53.69
C LYS B 132 5.12 16.33 52.40
N SER B 133 4.82 15.53 51.38
CA SER B 133 4.12 15.98 50.14
C SER B 133 2.67 16.35 50.47
N GLY B 134 2.17 15.86 51.61
CA GLY B 134 0.75 16.00 52.04
C GLY B 134 -0.07 14.81 51.58
N THR B 135 0.59 13.76 51.06
CA THR B 135 -0.05 12.55 50.47
C THR B 135 0.51 11.28 51.10
N ALA B 136 -0.30 10.23 51.18
CA ALA B 136 0.07 8.93 51.81
C ALA B 136 -0.48 7.79 50.95
N SER B 137 0.40 6.88 50.54
CA SER B 137 0.04 5.71 49.73
C SER B 137 0.36 4.46 50.52
N VAL B 138 -0.62 3.55 50.63
CA VAL B 138 -0.42 2.19 51.19
C VAL B 138 -0.46 1.24 49.99
N VAL B 139 0.58 0.43 49.80
CA VAL B 139 0.60 -0.55 48.69
C VAL B 139 0.65 -1.96 49.28
N CYS B 140 -0.12 -2.87 48.68
CA CYS B 140 -0.10 -4.32 48.96
C CYS B 140 0.42 -5.06 47.73
N LEU B 141 1.34 -5.99 47.95
CA LEU B 141 2.07 -6.70 46.88
C LEU B 141 1.80 -8.20 46.98
N LEU B 142 1.25 -8.80 45.92
CA LEU B 142 1.08 -10.26 45.75
C LEU B 142 2.17 -10.78 44.80
N ASN B 143 3.03 -11.67 45.28
CA ASN B 143 4.32 -11.97 44.64
C ASN B 143 4.32 -13.41 44.16
N ASN B 144 4.59 -13.64 42.88
CA ASN B 144 4.87 -14.98 42.29
C ASN B 144 3.67 -15.89 42.53
N PHE B 145 2.59 -15.67 41.79
CA PHE B 145 1.35 -16.48 41.88
C PHE B 145 0.70 -16.68 40.52
N TYR B 146 -0.03 -17.78 40.41
CA TYR B 146 -0.88 -18.14 39.25
C TYR B 146 -2.14 -18.81 39.82
N PRO B 147 -3.31 -18.63 39.19
CA PRO B 147 -3.48 -17.68 38.10
C PRO B 147 -3.47 -16.21 38.58
N ARG B 148 -3.63 -15.27 37.64
CA ARG B 148 -3.77 -13.82 37.91
C ARG B 148 -5.06 -13.60 38.71
N GLU B 149 -6.17 -14.26 38.35
CA GLU B 149 -7.50 -14.13 39.01
C GLU B 149 -7.32 -14.05 40.54
N ALA B 150 -7.53 -12.89 41.17
CA ALA B 150 -7.26 -12.63 42.62
C ALA B 150 -7.96 -11.35 43.07
N LYS B 151 -8.66 -11.37 44.23
CA LYS B 151 -9.37 -10.17 44.76
C LYS B 151 -8.61 -9.66 45.98
N VAL B 152 -8.25 -8.37 45.98
CA VAL B 152 -7.56 -7.64 47.09
C VAL B 152 -8.51 -6.54 47.58
N GLN B 153 -8.91 -6.61 48.86
CA GLN B 153 -9.77 -5.60 49.53
C GLN B 153 -9.00 -4.84 50.62
N TRP B 154 -9.10 -3.52 50.62
CA TRP B 154 -8.52 -2.61 51.66
C TRP B 154 -9.54 -2.44 52.78
N LYS B 155 -9.09 -2.52 54.02
CA LYS B 155 -9.92 -2.40 55.25
C LYS B 155 -9.27 -1.37 56.18
N VAL B 156 -9.51 -0.09 55.93
CA VAL B 156 -8.92 1.02 56.73
C VAL B 156 -9.81 1.16 57.95
N ASP B 157 -9.27 0.71 59.09
CA ASP B 157 -9.83 0.87 60.46
C ASP B 157 -10.97 -0.13 60.66
N ASN B 158 -10.76 -1.31 60.08
CA ASN B 158 -11.70 -2.45 59.98
C ASN B 158 -12.96 -2.09 59.19
N ALA B 159 -12.91 -1.13 58.24
CA ALA B 159 -14.03 -0.78 57.34
C ALA B 159 -13.57 -1.03 55.91
N LEU B 160 -14.35 -1.77 55.12
CA LEU B 160 -14.06 -1.99 53.67
C LEU B 160 -14.14 -0.64 52.95
N GLN B 161 -13.12 -0.35 52.15
CA GLN B 161 -13.00 0.88 51.32
C GLN B 161 -13.05 0.50 49.83
N SER B 162 -13.64 1.37 48.99
CA SER B 162 -13.86 1.13 47.53
C SER B 162 -13.27 2.27 46.69
N GLY B 163 -12.59 1.89 45.61
CA GLY B 163 -12.38 2.71 44.39
C GLY B 163 -11.37 3.83 44.59
N ASN B 164 -10.62 3.83 45.69
CA ASN B 164 -9.46 4.73 45.90
C ASN B 164 -8.21 3.86 46.00
N SER B 165 -8.34 2.62 45.55
CA SER B 165 -7.24 1.66 45.27
C SER B 165 -7.12 1.46 43.74
N GLN B 166 -5.91 1.20 43.26
CA GLN B 166 -5.61 0.85 41.85
C GLN B 166 -4.70 -0.38 41.82
N GLU B 167 -4.89 -1.27 40.84
CA GLU B 167 -4.01 -2.45 40.68
C GLU B 167 -3.19 -2.36 39.39
N SER B 168 -2.06 -3.08 39.41
CA SER B 168 -1.14 -3.30 38.28
C SER B 168 -0.57 -4.72 38.40
N VAL B 169 -0.46 -5.42 37.27
CA VAL B 169 0.02 -6.83 37.30
C VAL B 169 1.18 -6.89 36.34
N THR B 170 2.32 -7.47 36.76
CA THR B 170 3.43 -7.86 35.84
C THR B 170 2.85 -8.78 34.75
N GLU B 171 3.39 -8.74 33.53
CA GLU B 171 3.13 -9.81 32.54
C GLU B 171 3.86 -11.07 33.05
N GLN B 172 3.33 -12.22 32.70
CA GLN B 172 3.81 -13.55 33.18
C GLN B 172 5.34 -13.63 33.10
N ASP B 173 6.01 -13.98 34.20
CA ASP B 173 7.45 -14.33 34.23
C ASP B 173 7.75 -15.45 33.21
N SER B 174 8.80 -15.32 32.40
CA SER B 174 9.11 -16.23 31.26
C SER B 174 9.50 -17.65 31.73
N LYS B 175 9.84 -17.82 33.03
CA LYS B 175 10.67 -18.95 33.53
C LYS B 175 9.94 -19.80 34.59
N ASP B 176 9.13 -19.16 35.43
CA ASP B 176 8.27 -19.88 36.41
C ASP B 176 6.81 -19.74 35.98
N SER B 177 6.50 -18.89 35.00
CA SER B 177 5.13 -18.71 34.45
C SER B 177 4.17 -18.16 35.52
N THR B 178 4.62 -17.19 36.31
CA THR B 178 3.83 -16.61 37.41
C THR B 178 3.61 -15.12 37.16
N TYR B 179 2.59 -14.56 37.79
CA TYR B 179 2.31 -13.11 37.84
C TYR B 179 2.78 -12.58 39.19
N SER B 180 2.62 -11.26 39.38
CA SER B 180 2.78 -10.51 40.66
C SER B 180 1.87 -9.29 40.55
N LEU B 181 1.14 -8.96 41.61
CA LEU B 181 0.15 -7.86 41.62
C LEU B 181 0.51 -6.84 42.70
N SER B 182 0.18 -5.57 42.48
CA SER B 182 0.29 -4.48 43.47
C SER B 182 -1.02 -3.68 43.50
N SER B 183 -1.73 -3.77 44.62
CA SER B 183 -2.93 -2.97 44.92
C SER B 183 -2.51 -1.76 45.75
N THR B 184 -2.62 -0.55 45.20
CA THR B 184 -2.12 0.68 45.85
C THR B 184 -3.29 1.55 46.30
N LEU B 185 -3.46 1.72 47.61
CA LEU B 185 -4.49 2.63 48.20
C LEU B 185 -3.85 3.99 48.49
N THR B 186 -4.36 5.05 47.88
CA THR B 186 -3.91 6.44 48.12
C THR B 186 -5.02 7.21 48.85
N LEU B 187 -4.64 7.93 49.91
CA LEU B 187 -5.46 9.01 50.53
C LEU B 187 -4.53 10.10 51.06
N SER B 188 -5.10 11.26 51.38
CA SER B 188 -4.34 12.45 51.81
C SER B 188 -3.69 12.14 53.15
N LYS B 189 -2.70 12.94 53.54
CA LYS B 189 -2.08 12.87 54.89
C LYS B 189 -3.15 13.14 55.96
N ALA B 190 -3.98 14.17 55.76
CA ALA B 190 -5.07 14.59 56.67
C ALA B 190 -5.95 13.37 56.97
N ASP B 191 -6.48 12.70 55.95
CA ASP B 191 -7.33 11.51 56.12
C ASP B 191 -6.50 10.35 56.66
N TYR B 192 -5.18 10.35 56.40
CA TYR B 192 -4.30 9.22 56.76
C TYR B 192 -4.27 9.11 58.27
N GLU B 193 -4.15 10.26 58.93
CA GLU B 193 -3.97 10.34 60.40
C GLU B 193 -5.34 10.35 61.12
N LYS B 194 -6.46 10.22 60.40
CA LYS B 194 -7.82 10.10 61.00
C LYS B 194 -8.10 8.65 61.42
N HIS B 195 -7.37 7.67 60.84
CA HIS B 195 -7.52 6.21 61.08
C HIS B 195 -6.21 5.65 61.61
N LYS B 196 -6.18 4.47 62.27
CA LYS B 196 -4.89 3.92 62.77
C LYS B 196 -4.55 2.56 62.16
N VAL B 197 -5.51 1.67 61.98
CA VAL B 197 -5.21 0.31 61.46
C VAL B 197 -5.52 0.24 59.95
N TYR B 198 -4.50 -0.14 59.18
CA TYR B 198 -4.53 -0.30 57.71
C TYR B 198 -4.25 -1.78 57.38
N ALA B 199 -5.18 -2.41 56.67
CA ALA B 199 -5.16 -3.87 56.46
C ALA B 199 -5.48 -4.18 55.01
N CYS B 200 -4.86 -5.22 54.50
CA CYS B 200 -4.96 -5.66 53.10
C CYS B 200 -5.33 -7.14 53.11
N GLU B 201 -6.50 -7.48 52.56
CA GLU B 201 -7.06 -8.85 52.64
C GLU B 201 -7.09 -9.45 51.23
N VAL B 202 -6.47 -10.61 51.08
CA VAL B 202 -6.24 -11.28 49.77
C VAL B 202 -6.99 -12.61 49.75
N THR B 203 -7.92 -12.74 48.82
CA THR B 203 -8.53 -14.03 48.42
C THR B 203 -7.96 -14.44 47.07
N HIS B 204 -7.37 -15.62 47.01
CA HIS B 204 -6.84 -16.21 45.77
C HIS B 204 -7.11 -17.71 45.79
N GLN B 205 -7.27 -18.30 44.63
CA GLN B 205 -7.53 -19.75 44.47
C GLN B 205 -6.46 -20.62 45.19
N GLY B 206 -5.26 -20.08 45.44
CA GLY B 206 -4.14 -20.82 46.05
C GLY B 206 -4.16 -20.76 47.57
N LEU B 207 -5.13 -20.07 48.16
CA LEU B 207 -5.23 -19.80 49.61
C LEU B 207 -6.57 -20.30 50.13
N SER B 208 -6.54 -21.35 50.96
CA SER B 208 -7.69 -22.02 51.61
C SER B 208 -8.59 -20.99 52.31
N SER B 209 -7.99 -19.92 52.84
CA SER B 209 -8.70 -18.81 53.54
C SER B 209 -7.99 -17.48 53.29
N PRO B 210 -8.73 -16.35 53.17
CA PRO B 210 -8.16 -15.01 53.01
C PRO B 210 -7.02 -14.73 53.97
N VAL B 211 -5.87 -14.36 53.40
CA VAL B 211 -4.65 -13.88 54.13
C VAL B 211 -4.79 -12.36 54.27
N THR B 212 -4.83 -11.86 55.50
CA THR B 212 -4.78 -10.42 55.79
C THR B 212 -3.39 -10.08 56.31
N LYS B 213 -2.85 -8.96 55.82
CA LYS B 213 -1.59 -8.36 56.32
C LYS B 213 -1.87 -6.88 56.62
N SER B 214 -1.73 -6.51 57.90
CA SER B 214 -2.15 -5.19 58.46
C SER B 214 -0.94 -4.52 59.07
N PHE B 215 -1.10 -3.25 59.47
CA PHE B 215 -0.15 -2.50 60.34
C PHE B 215 -0.91 -1.37 61.03
N ASN B 216 -0.43 -0.96 62.20
CA ASN B 216 -0.97 0.20 62.95
C ASN B 216 -0.09 1.42 62.63
N ARG B 217 -0.69 2.61 62.47
CA ARG B 217 -0.01 3.84 62.02
C ARG B 217 1.16 4.16 62.96
N GLY B 218 2.39 4.18 62.41
CA GLY B 218 3.66 4.49 63.11
C GLY B 218 4.01 3.50 64.23
N GLU B 219 3.85 2.20 64.00
CA GLU B 219 4.31 1.15 64.94
C GLU B 219 5.06 0.05 64.17
N ASN C 3 15.80 -22.76 -19.03
CA ASN C 3 14.48 -22.34 -19.61
C ASN C 3 14.01 -21.07 -18.89
N LEU C 4 14.78 -19.99 -19.02
CA LEU C 4 14.52 -18.62 -18.49
C LEU C 4 13.34 -17.99 -19.24
N CYS C 5 12.43 -17.29 -18.54
CA CYS C 5 11.24 -16.60 -19.15
C CYS C 5 11.72 -15.47 -20.06
N PRO C 6 11.13 -15.33 -21.26
CA PRO C 6 11.57 -14.30 -22.20
C PRO C 6 10.93 -12.94 -21.89
N PHE C 7 11.01 -12.50 -20.64
CA PHE C 7 10.60 -11.12 -20.25
C PHE C 7 11.43 -10.11 -21.01
N GLY C 8 12.67 -10.45 -21.35
CA GLY C 8 13.56 -9.61 -22.19
C GLY C 8 12.90 -9.26 -23.53
N GLU C 9 12.36 -10.29 -24.21
CA GLU C 9 11.57 -10.15 -25.46
C GLU C 9 10.49 -9.09 -25.27
N VAL C 10 9.87 -9.06 -24.09
CA VAL C 10 8.67 -8.21 -23.82
C VAL C 10 9.10 -6.77 -23.53
N PHE C 11 9.89 -6.53 -22.50
CA PHE C 11 10.19 -5.18 -21.95
C PHE C 11 11.25 -4.48 -22.80
N ASN C 12 12.19 -5.20 -23.41
CA ASN C 12 13.35 -4.60 -24.14
C ASN C 12 13.06 -4.60 -25.66
N ALA C 13 11.89 -5.09 -26.08
CA ALA C 13 11.41 -5.14 -27.48
C ALA C 13 11.73 -3.82 -28.18
N THR C 14 12.15 -3.90 -29.43
CA THR C 14 12.28 -2.72 -30.34
C THR C 14 10.88 -2.14 -30.69
N ARG C 15 9.90 -2.97 -31.07
CA ARG C 15 8.53 -2.52 -31.50
C ARG C 15 7.51 -2.74 -30.37
N PHE C 16 6.74 -1.72 -30.04
CA PHE C 16 5.59 -1.81 -29.09
C PHE C 16 4.30 -1.53 -29.84
N ALA C 17 3.22 -2.24 -29.49
CA ALA C 17 1.89 -2.17 -30.15
C ALA C 17 1.20 -0.83 -29.87
N SER C 18 0.21 -0.45 -30.69
CA SER C 18 -0.71 0.67 -30.36
C SER C 18 -1.66 0.17 -29.29
N VAL C 19 -2.04 1.05 -28.38
CA VAL C 19 -2.79 0.64 -27.16
C VAL C 19 -4.13 0.00 -27.55
N TYR C 20 -4.79 0.47 -28.60
CA TYR C 20 -6.11 -0.05 -29.06
C TYR C 20 -5.94 -1.52 -29.50
N ALA C 21 -4.78 -1.86 -30.04
CA ALA C 21 -4.55 -3.21 -30.62
C ALA C 21 -3.42 -3.85 -29.85
N TRP C 22 -3.56 -3.82 -28.51
CA TRP C 22 -2.52 -4.15 -27.50
C TRP C 22 -2.05 -5.59 -27.69
N ASN C 23 -0.76 -5.83 -27.44
CA ASN C 23 -0.11 -7.14 -27.68
C ASN C 23 -0.21 -7.96 -26.39
N ARG C 24 -0.52 -9.25 -26.50
CA ARG C 24 -0.51 -10.21 -25.35
C ARG C 24 0.48 -11.33 -25.64
N LYS C 25 1.45 -11.49 -24.73
CA LYS C 25 2.33 -12.69 -24.61
C LYS C 25 1.77 -13.58 -23.49
N ARG C 26 1.51 -14.83 -23.81
CA ARG C 26 1.26 -15.89 -22.80
C ARG C 26 2.61 -16.54 -22.49
N ILE C 27 3.00 -16.45 -21.22
CA ILE C 27 4.22 -17.03 -20.60
C ILE C 27 3.81 -18.40 -20.03
N SER C 28 4.56 -19.43 -20.41
CA SER C 28 4.47 -20.80 -19.85
C SER C 28 5.82 -21.51 -20.02
N ASN C 29 6.06 -22.58 -19.25
CA ASN C 29 7.24 -23.47 -19.37
C ASN C 29 8.51 -22.68 -19.18
N CYS C 30 8.58 -21.84 -18.15
CA CYS C 30 9.86 -21.15 -17.88
C CYS C 30 9.99 -20.76 -16.40
N VAL C 31 11.23 -20.48 -16.04
CA VAL C 31 11.69 -19.92 -14.75
C VAL C 31 11.70 -18.40 -14.89
N ALA C 32 11.02 -17.70 -13.99
CA ALA C 32 10.84 -16.22 -14.00
C ALA C 32 11.64 -15.60 -12.86
N ASP C 33 12.74 -14.91 -13.13
CA ASP C 33 13.47 -14.18 -12.05
C ASP C 33 12.89 -12.78 -11.98
N TYR C 34 11.87 -12.59 -11.14
CA TYR C 34 11.07 -11.33 -11.08
C TYR C 34 11.96 -10.17 -10.56
N SER C 35 12.97 -10.48 -9.74
CA SER C 35 13.87 -9.47 -9.13
C SER C 35 14.47 -8.59 -10.21
N VAL C 36 14.64 -9.12 -11.43
CA VAL C 36 15.36 -8.39 -12.52
C VAL C 36 14.51 -7.20 -12.91
N LEU C 37 13.19 -7.29 -12.73
CA LEU C 37 12.27 -6.14 -12.94
C LEU C 37 12.35 -5.17 -11.77
N TYR C 38 12.03 -5.63 -10.55
CA TYR C 38 11.70 -4.75 -9.40
C TYR C 38 13.00 -4.16 -8.85
N ASN C 39 14.17 -4.75 -9.10
CA ASN C 39 15.46 -4.17 -8.60
C ASN C 39 16.04 -3.23 -9.67
N SER C 40 15.47 -3.25 -10.86
CA SER C 40 15.81 -2.33 -11.99
C SER C 40 15.53 -0.88 -11.58
N ALA C 41 16.31 0.08 -12.07
CA ALA C 41 16.02 1.52 -11.83
C ALA C 41 15.22 2.12 -13.00
N SER C 42 14.89 1.31 -14.02
CA SER C 42 14.46 1.73 -15.38
C SER C 42 13.00 2.15 -15.40
N PHE C 43 12.20 1.70 -14.44
CA PHE C 43 10.73 1.91 -14.44
C PHE C 43 10.36 3.03 -13.48
N SER C 44 9.36 3.78 -13.88
CA SER C 44 8.95 5.01 -13.18
C SER C 44 7.64 4.70 -12.46
N THR C 45 6.84 3.80 -13.02
CA THR C 45 5.62 3.24 -12.37
C THR C 45 5.75 1.72 -12.25
N PHE C 46 5.44 1.20 -11.07
CA PHE C 46 5.48 -0.24 -10.72
C PHE C 46 4.46 -0.48 -9.61
N LYS C 47 3.22 -0.67 -10.02
CA LYS C 47 2.05 -0.83 -9.13
C LYS C 47 1.60 -2.26 -9.20
N CYS C 48 1.52 -2.98 -8.08
CA CYS C 48 1.08 -4.40 -8.10
C CYS C 48 -0.20 -4.49 -7.27
N TYR C 49 -1.21 -5.19 -7.82
CA TYR C 49 -2.55 -5.41 -7.22
C TYR C 49 -2.66 -6.90 -6.87
N GLY C 50 -3.01 -7.23 -5.62
CA GLY C 50 -3.34 -8.61 -5.20
C GLY C 50 -2.16 -9.58 -5.22
N VAL C 51 -0.91 -9.13 -5.33
CA VAL C 51 0.28 -10.01 -5.38
C VAL C 51 1.53 -9.16 -5.14
N SER C 52 2.55 -9.72 -4.50
CA SER C 52 3.77 -8.95 -4.18
C SER C 52 4.97 -9.49 -4.97
N PRO C 53 5.68 -8.66 -5.78
CA PRO C 53 6.77 -9.12 -6.65
C PRO C 53 7.94 -9.85 -5.97
N THR C 54 8.07 -9.57 -4.69
CA THR C 54 9.13 -10.09 -3.82
C THR C 54 8.82 -11.56 -3.47
N LYS C 55 7.54 -11.95 -3.38
CA LYS C 55 7.11 -13.35 -3.08
C LYS C 55 6.93 -14.17 -4.36
N LEU C 56 6.94 -13.57 -5.55
CA LEU C 56 6.70 -14.33 -6.81
C LEU C 56 7.87 -15.27 -7.05
N ASN C 57 9.04 -14.92 -6.52
CA ASN C 57 10.32 -15.64 -6.74
C ASN C 57 10.24 -17.09 -6.23
N ASP C 58 9.28 -17.41 -5.35
CA ASP C 58 9.02 -18.81 -4.93
C ASP C 58 7.51 -19.08 -5.01
N LEU C 59 6.90 -18.66 -6.12
CA LEU C 59 5.51 -19.02 -6.53
C LEU C 59 5.51 -19.53 -7.98
N CYS C 60 4.69 -20.56 -8.21
CA CYS C 60 4.41 -21.17 -9.54
C CYS C 60 2.99 -20.83 -9.99
N PHE C 61 2.83 -20.51 -11.28
CA PHE C 61 1.52 -20.19 -11.89
C PHE C 61 1.31 -21.04 -13.14
N THR C 62 0.06 -21.25 -13.53
CA THR C 62 -0.26 -22.03 -14.75
CA THR C 62 -0.31 -22.01 -14.75
C THR C 62 0.02 -21.19 -16.00
N ASN C 63 -0.35 -19.90 -15.96
CA ASN C 63 -0.11 -18.94 -17.08
C ASN C 63 0.07 -17.52 -16.52
N VAL C 64 1.07 -16.83 -17.05
CA VAL C 64 1.30 -15.38 -16.80
C VAL C 64 1.14 -14.71 -18.15
N TYR C 65 0.41 -13.60 -18.20
CA TYR C 65 0.09 -12.87 -19.45
C TYR C 65 0.83 -11.54 -19.40
N ALA C 66 1.66 -11.24 -20.40
CA ALA C 66 2.32 -9.93 -20.55
C ALA C 66 1.65 -9.10 -21.68
N ASP C 67 0.93 -8.04 -21.31
CA ASP C 67 0.20 -7.14 -22.23
C ASP C 67 1.06 -5.88 -22.39
N SER C 68 1.48 -5.54 -23.60
CA SER C 68 2.35 -4.36 -23.85
C SER C 68 1.76 -3.42 -24.92
N PHE C 69 2.01 -2.11 -24.75
CA PHE C 69 1.51 -1.00 -25.61
C PHE C 69 2.13 0.36 -25.24
N VAL C 70 1.91 1.38 -26.08
CA VAL C 70 2.30 2.80 -25.86
C VAL C 70 1.05 3.71 -25.71
N ILE C 71 1.15 4.56 -24.70
CA ILE C 71 0.22 5.64 -24.30
C ILE C 71 1.07 6.80 -23.79
N ARG C 72 0.47 7.98 -23.61
CA ARG C 72 1.20 9.19 -23.13
C ARG C 72 1.19 9.19 -21.58
N GLY C 73 2.15 9.89 -20.98
CA GLY C 73 2.39 9.87 -19.53
C GLY C 73 1.11 10.05 -18.74
N ASP C 74 0.26 10.98 -19.15
CA ASP C 74 -0.94 11.46 -18.39
C ASP C 74 -1.93 10.32 -18.21
N GLU C 75 -1.82 9.30 -19.07
CA GLU C 75 -2.83 8.22 -19.19
C GLU C 75 -2.36 6.95 -18.47
N VAL C 76 -1.10 6.92 -18.03
CA VAL C 76 -0.56 5.77 -17.28
C VAL C 76 -1.49 5.55 -16.08
N ARG C 77 -2.00 6.60 -15.45
CA ARG C 77 -2.84 6.42 -14.24
C ARG C 77 -4.19 5.78 -14.57
N GLN C 78 -4.59 5.73 -15.84
CA GLN C 78 -5.84 5.05 -16.27
C GLN C 78 -5.67 3.53 -16.41
N ILE C 79 -4.43 3.01 -16.44
CA ILE C 79 -4.11 1.55 -16.47
C ILE C 79 -4.12 1.01 -15.02
N ALA C 80 -5.31 0.96 -14.44
CA ALA C 80 -5.56 0.52 -13.06
C ALA C 80 -7.00 0.04 -13.02
N PRO C 81 -7.32 -0.89 -12.12
CA PRO C 81 -8.70 -1.31 -11.94
C PRO C 81 -9.57 -0.11 -11.52
N GLY C 82 -10.73 0.06 -12.15
CA GLY C 82 -11.76 1.01 -11.67
C GLY C 82 -11.47 2.43 -12.13
N GLN C 83 -10.50 2.58 -13.01
CA GLN C 83 -10.23 3.85 -13.70
C GLN C 83 -11.28 4.04 -14.80
N THR C 84 -11.51 5.30 -15.14
CA THR C 84 -12.29 5.74 -16.33
C THR C 84 -11.44 6.75 -17.13
N GLY C 85 -11.85 7.00 -18.38
CA GLY C 85 -11.11 7.78 -19.39
C GLY C 85 -11.00 7.00 -20.69
N LYS C 86 -10.45 7.62 -21.74
CA LYS C 86 -10.38 7.07 -23.14
C LYS C 86 -9.68 5.71 -23.12
N ILE C 87 -8.57 5.61 -22.40
CA ILE C 87 -7.71 4.39 -22.46
C ILE C 87 -8.43 3.27 -21.73
N ALA C 88 -8.79 3.51 -20.47
CA ALA C 88 -9.56 2.56 -19.61
C ALA C 88 -10.83 2.10 -20.33
N ASP C 89 -11.61 3.04 -20.88
CA ASP C 89 -13.00 2.75 -21.35
C ASP C 89 -12.96 2.12 -22.76
N TYR C 90 -12.09 2.60 -23.66
CA TYR C 90 -12.17 2.30 -25.12
C TYR C 90 -10.95 1.54 -25.66
N ASN C 91 -9.87 1.36 -24.91
CA ASN C 91 -8.61 0.77 -25.48
C ASN C 91 -8.13 -0.47 -24.72
N TYR C 92 -7.91 -0.37 -23.39
CA TYR C 92 -7.46 -1.48 -22.51
C TYR C 92 -8.03 -1.34 -21.10
N LYS C 93 -8.79 -2.35 -20.69
CA LYS C 93 -9.68 -2.34 -19.52
C LYS C 93 -9.26 -3.46 -18.57
N LEU C 94 -8.76 -3.10 -17.38
CA LEU C 94 -8.45 -4.03 -16.28
C LEU C 94 -9.77 -4.37 -15.61
N PRO C 95 -9.94 -5.61 -15.10
CA PRO C 95 -11.08 -5.92 -14.23
C PRO C 95 -10.87 -5.33 -12.82
N ASP C 96 -11.96 -5.08 -12.09
CA ASP C 96 -11.99 -4.53 -10.70
C ASP C 96 -11.03 -5.34 -9.81
N ASP C 97 -11.03 -6.67 -9.93
CA ASP C 97 -10.38 -7.61 -8.97
C ASP C 97 -9.03 -8.04 -9.54
N PHE C 98 -8.50 -7.26 -10.47
CA PHE C 98 -7.21 -7.50 -11.15
C PHE C 98 -6.19 -7.95 -10.11
N THR C 99 -5.47 -9.01 -10.46
CA THR C 99 -4.25 -9.48 -9.75
CA THR C 99 -4.24 -9.45 -9.74
C THR C 99 -3.07 -9.45 -10.72
N GLY C 100 -2.13 -8.52 -10.54
CA GLY C 100 -0.97 -8.39 -11.45
C GLY C 100 -0.19 -7.10 -11.23
N CYS C 101 0.80 -6.85 -12.07
CA CYS C 101 1.62 -5.61 -11.99
C CYS C 101 1.44 -4.74 -13.24
N VAL C 102 1.42 -3.43 -13.00
CA VAL C 102 1.36 -2.34 -14.01
C VAL C 102 2.72 -1.65 -13.99
N ILE C 103 3.51 -1.82 -15.04
CA ILE C 103 4.91 -1.34 -15.08
C ILE C 103 5.04 -0.47 -16.32
N ALA C 104 5.55 0.74 -16.14
CA ALA C 104 5.64 1.72 -17.24
C ALA C 104 6.96 2.50 -17.16
N TRP C 105 7.44 2.96 -18.32
CA TRP C 105 8.61 3.87 -18.40
C TRP C 105 8.50 4.84 -19.57
N ASN C 106 9.11 6.01 -19.39
CA ASN C 106 9.20 7.12 -20.38
C ASN C 106 10.00 6.56 -21.54
N SER C 107 9.47 6.62 -22.77
CA SER C 107 10.14 6.10 -23.98
C SER C 107 10.41 7.24 -24.98
N ASN C 108 10.57 8.47 -24.47
CA ASN C 108 10.81 9.71 -25.24
C ASN C 108 12.06 9.54 -26.12
N ASN C 109 13.11 8.91 -25.60
CA ASN C 109 14.40 8.69 -26.31
C ASN C 109 14.22 7.77 -27.53
N LEU C 110 13.21 6.88 -27.56
CA LEU C 110 12.95 5.90 -28.66
C LEU C 110 11.77 6.32 -29.53
N ASP C 111 10.67 6.73 -28.89
CA ASP C 111 9.31 6.76 -29.50
C ASP C 111 8.86 8.19 -29.85
N SER C 112 9.65 9.21 -29.51
CA SER C 112 9.53 10.60 -30.03
C SER C 112 10.53 10.81 -31.16
N LYS C 113 10.25 11.77 -32.05
CA LYS C 113 11.20 12.30 -33.05
C LYS C 113 10.84 13.76 -33.36
N VAL C 114 11.83 14.56 -33.77
CA VAL C 114 11.63 16.01 -34.03
C VAL C 114 10.57 16.14 -35.14
N GLY C 115 9.56 16.99 -34.95
CA GLY C 115 8.42 17.10 -35.88
C GLY C 115 7.30 16.11 -35.60
N GLY C 116 7.50 15.20 -34.63
CA GLY C 116 6.48 14.31 -34.03
C GLY C 116 6.50 12.88 -34.58
N ASN C 117 6.43 11.85 -33.72
CA ASN C 117 6.08 10.44 -34.08
C ASN C 117 4.56 10.27 -33.99
N TYR C 118 3.92 9.90 -35.10
CA TYR C 118 2.44 9.79 -35.21
C TYR C 118 2.04 8.34 -35.41
N ASN C 119 2.99 7.41 -35.31
CA ASN C 119 2.74 6.00 -35.68
C ASN C 119 1.83 5.34 -34.64
N TYR C 120 1.84 5.86 -33.40
CA TYR C 120 1.14 5.24 -32.24
C TYR C 120 -0.29 5.81 -32.19
N LEU C 121 -1.27 4.90 -32.17
CA LEU C 121 -2.71 5.24 -32.21
C LEU C 121 -3.36 4.89 -30.87
N TYR C 122 -4.58 5.41 -30.72
CA TYR C 122 -5.59 5.05 -29.70
C TYR C 122 -7.01 5.19 -30.30
N ARG C 123 -7.97 4.47 -29.74
CA ARG C 123 -9.42 4.59 -30.07
C ARG C 123 -10.00 5.76 -29.27
N LEU C 124 -10.58 6.72 -30.01
CA LEU C 124 -11.09 8.02 -29.53
C LEU C 124 -12.61 7.91 -29.31
N PHE C 125 -13.28 7.05 -30.08
CA PHE C 125 -14.76 6.85 -30.07
C PHE C 125 -15.16 5.38 -30.06
N ARG C 126 -16.25 5.11 -29.34
CA ARG C 126 -16.89 3.78 -29.22
C ARG C 126 -18.23 3.96 -28.55
N LYS C 127 -19.18 3.10 -28.91
CA LYS C 127 -20.61 3.23 -28.48
C LYS C 127 -20.77 2.91 -26.99
N SER C 128 -19.88 2.05 -26.48
CA SER C 128 -19.98 1.35 -25.18
C SER C 128 -18.58 1.06 -24.63
N ASN C 129 -18.46 0.85 -23.33
CA ASN C 129 -17.15 0.56 -22.68
C ASN C 129 -16.77 -0.88 -23.04
N LEU C 130 -15.45 -1.12 -23.14
CA LEU C 130 -14.81 -2.45 -23.23
C LEU C 130 -15.13 -3.28 -21.99
N LYS C 131 -15.35 -4.57 -22.22
CA LYS C 131 -15.29 -5.61 -21.18
C LYS C 131 -13.84 -5.74 -20.76
N PRO C 132 -13.53 -6.31 -19.58
CA PRO C 132 -12.15 -6.32 -19.13
C PRO C 132 -11.32 -7.24 -20.04
N PHE C 133 -10.14 -6.75 -20.45
CA PHE C 133 -9.14 -7.46 -21.30
C PHE C 133 -9.70 -7.70 -22.69
N GLU C 134 -10.68 -6.88 -23.09
CA GLU C 134 -11.27 -6.95 -24.45
C GLU C 134 -10.22 -6.32 -25.35
N ARG C 135 -10.11 -6.79 -26.59
CA ARG C 135 -9.26 -6.17 -27.62
C ARG C 135 -10.10 -5.89 -28.87
N ASP C 136 -10.31 -4.62 -29.20
CA ASP C 136 -11.19 -4.14 -30.30
C ASP C 136 -10.32 -3.53 -31.41
N ILE C 137 -10.30 -4.17 -32.57
CA ILE C 137 -9.52 -3.68 -33.75
C ILE C 137 -10.48 -3.34 -34.90
N SER C 138 -11.76 -3.07 -34.61
CA SER C 138 -12.74 -2.58 -35.61
CA SER C 138 -12.73 -2.59 -35.61
C SER C 138 -12.38 -1.15 -36.02
N THR C 139 -12.69 -0.79 -37.26
CA THR C 139 -12.43 0.55 -37.85
C THR C 139 -13.71 1.06 -38.52
N GLU C 140 -14.86 0.61 -38.04
CA GLU C 140 -16.20 1.08 -38.50
CA GLU C 140 -16.19 1.08 -38.52
C GLU C 140 -16.35 2.58 -38.19
N ILE C 141 -16.98 3.33 -39.09
CA ILE C 141 -17.18 4.80 -38.91
C ILE C 141 -18.13 4.99 -37.73
N TYR C 142 -17.78 5.95 -36.87
CA TYR C 142 -18.51 6.21 -35.61
C TYR C 142 -19.57 7.30 -35.83
N GLN C 143 -20.83 6.98 -35.52
CA GLN C 143 -21.99 7.94 -35.53
C GLN C 143 -22.02 8.78 -34.24
N ALA C 144 -21.54 10.04 -34.30
CA ALA C 144 -21.42 10.97 -33.15
C ALA C 144 -22.67 11.87 -33.03
N GLY C 145 -23.38 12.08 -34.14
CA GLY C 145 -24.65 12.83 -34.23
C GLY C 145 -25.84 11.90 -34.41
N SER C 146 -26.99 12.43 -34.83
CA SER C 146 -28.26 11.66 -34.88
C SER C 146 -28.46 11.01 -36.25
N THR C 147 -27.54 11.17 -37.21
CA THR C 147 -27.66 10.57 -38.59
C THR C 147 -26.77 9.35 -38.71
N PRO C 148 -27.25 8.22 -39.28
CA PRO C 148 -26.43 7.04 -39.52
C PRO C 148 -25.37 7.29 -40.60
N CYS C 149 -24.17 6.74 -40.42
CA CYS C 149 -22.98 6.99 -41.28
C CYS C 149 -22.89 5.96 -42.42
N ASN C 150 -23.20 4.68 -42.14
CA ASN C 150 -23.11 3.55 -43.11
C ASN C 150 -21.79 3.64 -43.89
N GLY C 151 -20.68 3.77 -43.16
CA GLY C 151 -19.31 3.65 -43.70
C GLY C 151 -18.86 4.88 -44.46
N VAL C 152 -19.51 6.04 -44.28
CA VAL C 152 -19.06 7.32 -44.89
C VAL C 152 -18.81 8.36 -43.78
N GLU C 153 -17.60 8.92 -43.76
CA GLU C 153 -17.19 10.01 -42.85
C GLU C 153 -17.87 11.32 -43.29
N GLY C 154 -18.18 12.20 -42.33
CA GLY C 154 -18.86 13.50 -42.54
C GLY C 154 -18.87 14.35 -41.26
N PHE C 155 -19.64 15.44 -41.22
CA PHE C 155 -19.92 16.20 -39.97
C PHE C 155 -20.59 15.22 -39.00
N ASN C 156 -19.98 15.04 -37.82
CA ASN C 156 -20.44 14.14 -36.73
C ASN C 156 -20.33 12.66 -37.14
N CYS C 157 -19.57 12.31 -38.18
CA CYS C 157 -19.34 10.90 -38.62
C CYS C 157 -17.83 10.67 -38.78
N TYR C 158 -17.14 10.13 -37.77
CA TYR C 158 -15.68 10.24 -37.64
C TYR C 158 -15.02 8.86 -37.77
N PHE C 159 -13.73 8.87 -38.15
CA PHE C 159 -12.84 7.69 -37.99
C PHE C 159 -12.64 7.46 -36.50
N PRO C 160 -12.85 6.23 -35.97
CA PRO C 160 -12.72 5.98 -34.52
C PRO C 160 -11.31 6.07 -33.89
N LEU C 161 -10.22 5.99 -34.66
CA LEU C 161 -8.82 6.01 -34.14
C LEU C 161 -8.17 7.39 -34.39
N GLN C 162 -7.13 7.75 -33.63
CA GLN C 162 -6.35 9.02 -33.79
C GLN C 162 -4.88 8.75 -33.43
N SER C 163 -3.93 9.38 -34.14
CA SER C 163 -2.48 9.40 -33.78
C SER C 163 -2.21 10.27 -32.56
N TYR C 164 -1.48 9.71 -31.58
CA TYR C 164 -0.66 10.47 -30.63
C TYR C 164 0.40 11.26 -31.42
N GLY C 165 0.84 12.39 -30.87
CA GLY C 165 1.90 13.22 -31.48
C GLY C 165 3.09 13.35 -30.54
N PHE C 166 4.10 12.50 -30.71
CA PHE C 166 5.25 12.42 -29.78
C PHE C 166 6.44 13.16 -30.35
N GLN C 167 6.76 14.29 -29.74
CA GLN C 167 7.96 15.12 -30.04
C GLN C 167 8.82 15.18 -28.80
N PRO C 168 10.15 15.24 -28.96
CA PRO C 168 11.07 15.26 -27.82
C PRO C 168 10.87 16.45 -26.85
N THR C 169 10.35 17.58 -27.32
CA THR C 169 10.18 18.82 -26.51
C THR C 169 8.86 18.73 -25.72
N ASN C 170 7.96 17.80 -26.08
CA ASN C 170 6.63 17.63 -25.44
C ASN C 170 6.76 17.68 -23.91
N GLY C 171 5.75 18.26 -23.25
CA GLY C 171 5.52 18.15 -21.80
C GLY C 171 5.45 16.69 -21.43
N VAL C 172 5.92 16.34 -20.24
CA VAL C 172 6.09 14.90 -19.86
C VAL C 172 4.71 14.23 -19.99
N GLY C 173 3.64 14.98 -19.71
CA GLY C 173 2.25 14.49 -19.81
C GLY C 173 1.92 13.93 -21.18
N TYR C 174 2.62 14.40 -22.21
CA TYR C 174 2.36 14.15 -23.65
C TYR C 174 3.53 13.37 -24.27
N GLN C 175 4.48 12.93 -23.45
CA GLN C 175 5.61 12.08 -23.91
C GLN C 175 5.12 10.63 -23.93
N PRO C 176 5.72 9.79 -24.78
CA PRO C 176 5.35 8.39 -24.88
C PRO C 176 5.87 7.58 -23.69
N TYR C 177 5.01 6.68 -23.18
CA TYR C 177 5.35 5.72 -22.11
C TYR C 177 5.13 4.32 -22.69
N ARG C 178 6.09 3.42 -22.50
CA ARG C 178 5.88 1.97 -22.72
C ARG C 178 5.33 1.39 -21.43
N VAL C 179 4.34 0.50 -21.58
CA VAL C 179 3.59 -0.13 -20.48
C VAL C 179 3.69 -1.63 -20.69
N VAL C 180 3.98 -2.37 -19.61
CA VAL C 180 3.68 -3.83 -19.55
C VAL C 180 2.76 -4.09 -18.35
N VAL C 181 1.71 -4.90 -18.59
CA VAL C 181 0.78 -5.44 -17.56
C VAL C 181 0.99 -6.94 -17.44
N LEU C 182 1.36 -7.45 -16.25
CA LEU C 182 1.50 -8.90 -15.93
C LEU C 182 0.24 -9.37 -15.19
N SER C 183 -0.49 -10.33 -15.74
CA SER C 183 -1.63 -11.03 -15.09
C SER C 183 -1.18 -12.43 -14.66
N PHE C 184 -1.66 -12.92 -13.51
CA PHE C 184 -1.30 -14.24 -12.95
C PHE C 184 -2.53 -15.14 -12.90
N GLU C 185 -2.35 -16.36 -13.38
CA GLU C 185 -3.42 -17.36 -13.57
C GLU C 185 -2.95 -18.62 -12.84
N LEU C 186 -3.81 -19.16 -11.99
CA LEU C 186 -3.50 -20.39 -11.21
C LEU C 186 -4.69 -21.35 -11.29
N LEU C 187 -4.68 -22.20 -12.32
CA LEU C 187 -5.74 -23.22 -12.58
C LEU C 187 -5.27 -24.61 -12.06
N HIS C 188 -6.07 -25.64 -12.34
CA HIS C 188 -5.94 -27.00 -11.77
C HIS C 188 -5.16 -27.86 -12.78
N ALA C 189 -4.11 -27.26 -13.34
CA ALA C 189 -3.29 -27.71 -14.50
C ALA C 189 -1.82 -27.48 -14.16
N PRO C 190 -0.86 -28.09 -14.90
CA PRO C 190 0.56 -27.96 -14.54
C PRO C 190 0.98 -26.49 -14.41
N ALA C 191 1.51 -26.09 -13.25
CA ALA C 191 1.98 -24.72 -12.97
C ALA C 191 3.41 -24.58 -13.53
N THR C 192 3.51 -24.00 -14.72
CA THR C 192 4.67 -24.11 -15.64
C THR C 192 5.50 -22.81 -15.54
N VAL C 193 5.01 -21.82 -14.81
CA VAL C 193 5.70 -20.49 -14.71
C VAL C 193 6.13 -20.29 -13.26
N CYS C 194 7.40 -20.53 -12.96
CA CYS C 194 7.96 -20.67 -11.60
C CYS C 194 9.11 -19.70 -11.36
N GLY C 195 9.24 -19.18 -10.14
CA GLY C 195 10.41 -18.42 -9.68
C GLY C 195 11.63 -19.33 -9.52
N PRO C 196 12.88 -18.78 -9.40
CA PRO C 196 14.10 -19.61 -9.41
C PRO C 196 14.08 -20.62 -8.27
N LYS C 197 13.31 -20.33 -7.21
CA LYS C 197 13.16 -21.14 -5.98
C LYS C 197 11.77 -21.78 -5.93
N GLN D 1 9.89 4.00 -45.50
CA GLN D 1 9.71 4.91 -46.66
C GLN D 1 8.84 4.23 -47.71
N VAL D 2 8.06 5.01 -48.47
CA VAL D 2 7.29 4.50 -49.66
C VAL D 2 7.70 5.35 -50.87
N GLN D 3 7.64 4.75 -52.07
CA GLN D 3 7.77 5.45 -53.38
C GLN D 3 6.38 5.58 -54.03
N LEU D 4 6.05 6.79 -54.50
CA LEU D 4 4.80 7.11 -55.23
C LEU D 4 5.17 7.37 -56.71
N VAL D 5 4.55 6.65 -57.64
CA VAL D 5 4.72 6.86 -59.12
C VAL D 5 3.33 7.03 -59.74
N GLU D 6 3.05 8.23 -60.27
CA GLU D 6 1.76 8.57 -60.94
C GLU D 6 1.83 8.21 -62.42
N SER D 7 0.67 8.01 -63.03
CA SER D 7 0.48 7.82 -64.50
C SER D 7 -0.92 8.32 -64.87
N GLY D 8 -1.20 8.44 -66.18
CA GLY D 8 -2.54 8.70 -66.74
C GLY D 8 -2.70 10.12 -67.26
N GLY D 9 -1.69 10.99 -67.09
CA GLY D 9 -1.70 12.34 -67.66
C GLY D 9 -1.57 12.32 -69.17
N GLY D 10 -2.04 13.36 -69.86
CA GLY D 10 -2.02 13.49 -71.33
C GLY D 10 -2.89 14.64 -71.82
N LEU D 11 -3.15 14.70 -73.13
CA LEU D 11 -4.07 15.69 -73.75
C LEU D 11 -5.50 15.16 -73.71
N MET D 12 -6.45 15.94 -73.19
CA MET D 12 -7.90 15.59 -73.24
C MET D 12 -8.73 16.84 -73.53
N GLN D 13 -9.88 16.64 -74.18
CA GLN D 13 -10.84 17.70 -74.58
C GLN D 13 -11.68 18.05 -73.34
N ALA D 14 -12.00 19.35 -73.17
CA ALA D 14 -12.94 19.85 -72.14
C ALA D 14 -14.27 19.10 -72.27
N GLY D 15 -14.84 18.64 -71.15
CA GLY D 15 -16.08 17.84 -71.11
C GLY D 15 -15.82 16.34 -71.08
N GLY D 16 -14.65 15.90 -71.52
CA GLY D 16 -14.24 14.48 -71.47
C GLY D 16 -13.85 14.05 -70.07
N SER D 17 -13.40 12.83 -69.91
CA SER D 17 -12.96 12.27 -68.61
C SER D 17 -11.59 11.61 -68.76
N LEU D 18 -10.81 11.59 -67.65
CA LEU D 18 -9.40 11.10 -67.55
C LEU D 18 -9.11 10.59 -66.13
N ARG D 19 -8.47 9.43 -66.01
N ARG D 19 -8.53 9.40 -66.00
CA ARG D 19 -8.21 8.75 -64.71
CA ARG D 19 -8.22 8.76 -64.69
C ARG D 19 -6.70 8.65 -64.48
C ARG D 19 -6.71 8.66 -64.49
N LEU D 20 -6.18 9.34 -63.45
CA LEU D 20 -4.76 9.22 -63.01
C LEU D 20 -4.65 8.02 -62.04
N SER D 21 -3.51 7.31 -62.05
CA SER D 21 -3.13 6.29 -61.04
C SER D 21 -1.91 6.78 -60.25
N CYS D 22 -1.80 6.32 -59.00
CA CYS D 22 -0.57 6.40 -58.17
CA CYS D 22 -0.52 6.36 -58.24
C CYS D 22 -0.34 5.03 -57.51
N ALA D 23 0.72 4.32 -57.93
CA ALA D 23 1.16 3.01 -57.39
C ALA D 23 2.10 3.28 -56.21
N VAL D 24 1.83 2.65 -55.06
CA VAL D 24 2.62 2.80 -53.80
C VAL D 24 3.43 1.51 -53.61
N SER D 25 4.75 1.64 -53.44
CA SER D 25 5.70 0.52 -53.21
C SER D 25 6.53 0.80 -51.95
N GLY D 26 7.05 -0.27 -51.36
CA GLY D 26 7.88 -0.23 -50.13
C GLY D 26 7.07 -0.54 -48.89
N ARG D 27 7.08 0.36 -47.91
CA ARG D 27 6.53 0.16 -46.55
C ARG D 27 5.04 0.53 -46.56
N THR D 28 4.27 -0.16 -47.43
CA THR D 28 2.89 0.21 -47.84
C THR D 28 1.91 0.01 -46.68
N PHE D 29 2.25 -0.84 -45.72
CA PHE D 29 1.40 -1.19 -44.54
C PHE D 29 1.10 0.06 -43.71
N SER D 30 1.92 1.11 -43.86
CA SER D 30 1.87 2.35 -43.05
C SER D 30 0.78 3.30 -43.54
N THR D 31 0.29 3.13 -44.78
CA THR D 31 -0.62 4.08 -45.48
C THR D 31 -1.90 4.25 -44.64
N ALA D 32 -2.15 5.48 -44.16
CA ALA D 32 -3.37 5.91 -43.42
C ALA D 32 -4.33 6.66 -44.37
N ALA D 33 -3.79 7.52 -45.22
CA ALA D 33 -4.53 8.30 -46.24
C ALA D 33 -3.62 8.55 -47.45
N MET D 34 -4.23 8.77 -48.61
CA MET D 34 -3.57 9.29 -49.85
CA MET D 34 -3.50 9.35 -49.78
C MET D 34 -4.25 10.59 -50.24
N GLY D 35 -3.52 11.53 -50.84
CA GLY D 35 -4.08 12.80 -51.33
C GLY D 35 -3.65 13.07 -52.76
N TRP D 36 -4.48 13.77 -53.52
CA TRP D 36 -4.07 14.37 -54.80
C TRP D 36 -3.98 15.88 -54.61
N PHE D 37 -2.89 16.45 -55.12
CA PHE D 37 -2.64 17.92 -55.21
C PHE D 37 -2.38 18.25 -56.68
N ARG D 38 -2.47 19.52 -57.08
CA ARG D 38 -2.10 19.93 -58.46
C ARG D 38 -1.38 21.29 -58.40
N GLN D 39 -0.48 21.52 -59.35
CA GLN D 39 0.24 22.80 -59.53
C GLN D 39 0.14 23.24 -60.99
N ALA D 40 -0.64 24.30 -61.25
CA ALA D 40 -0.74 24.98 -62.56
C ALA D 40 0.49 25.85 -62.71
N PRO D 41 1.01 26.06 -63.95
CA PRO D 41 2.32 26.68 -64.16
C PRO D 41 2.47 27.98 -63.35
N GLY D 42 3.49 28.07 -62.48
CA GLY D 42 3.86 29.28 -61.73
C GLY D 42 2.93 29.64 -60.58
N LYS D 43 1.84 28.91 -60.37
CA LYS D 43 0.81 29.16 -59.33
C LYS D 43 1.02 28.11 -58.22
N GLU D 44 0.44 28.35 -57.02
CA GLU D 44 0.58 27.53 -55.78
C GLU D 44 0.14 26.08 -56.02
N ARG D 45 0.83 25.11 -55.40
CA ARG D 45 0.32 23.72 -55.28
C ARG D 45 -0.97 23.80 -54.43
N GLU D 46 -2.03 23.12 -54.87
CA GLU D 46 -3.39 23.29 -54.32
C GLU D 46 -3.95 21.89 -54.01
N PHE D 47 -4.54 21.70 -52.82
CA PHE D 47 -5.20 20.44 -52.40
C PHE D 47 -6.38 20.15 -53.35
N VAL D 48 -6.51 18.91 -53.84
CA VAL D 48 -7.59 18.48 -54.78
C VAL D 48 -8.57 17.56 -54.03
N ALA D 49 -8.07 16.41 -53.55
CA ALA D 49 -8.87 15.32 -52.98
C ALA D 49 -7.99 14.46 -52.06
N ALA D 50 -8.59 13.91 -50.99
CA ALA D 50 -7.98 12.95 -50.06
C ALA D 50 -8.93 11.76 -49.88
N ILE D 51 -8.34 10.58 -49.67
CA ILE D 51 -9.09 9.32 -49.40
C ILE D 51 -8.42 8.66 -48.19
N ARG D 52 -9.20 8.31 -47.16
CA ARG D 52 -8.73 7.45 -46.05
C ARG D 52 -8.57 6.05 -46.63
N TRP D 53 -7.40 5.45 -46.42
CA TRP D 53 -7.11 4.09 -46.93
C TRP D 53 -8.15 3.09 -46.39
N SER D 54 -8.47 3.15 -45.10
CA SER D 54 -9.58 2.36 -44.49
C SER D 54 -10.92 3.00 -44.82
N GLY D 55 -11.81 2.22 -45.44
CA GLY D 55 -13.22 2.59 -45.68
C GLY D 55 -13.37 3.30 -47.00
N GLY D 56 -12.36 4.08 -47.40
CA GLY D 56 -12.29 4.74 -48.71
C GLY D 56 -13.06 6.04 -48.73
N SER D 57 -13.39 6.58 -47.54
CA SER D 57 -14.08 7.88 -47.32
C SER D 57 -13.24 9.01 -47.92
N ALA D 58 -13.90 9.92 -48.67
CA ALA D 58 -13.26 10.95 -49.53
C ALA D 58 -13.67 12.37 -49.09
N TYR D 59 -12.70 13.28 -49.22
CA TYR D 59 -12.83 14.75 -49.00
C TYR D 59 -12.22 15.49 -50.20
N TYR D 60 -12.95 16.49 -50.71
CA TYR D 60 -12.63 17.22 -51.96
C TYR D 60 -12.60 18.73 -51.66
N ALA D 61 -11.72 19.46 -52.33
CA ALA D 61 -11.78 20.93 -52.39
C ALA D 61 -12.99 21.34 -53.23
N ASP D 62 -13.60 22.49 -52.94
CA ASP D 62 -14.85 22.97 -53.59
C ASP D 62 -14.62 23.05 -55.11
N SER D 63 -13.39 23.33 -55.55
CA SER D 63 -12.99 23.54 -56.97
C SER D 63 -13.29 22.34 -57.89
N VAL D 64 -13.36 21.12 -57.35
CA VAL D 64 -13.54 19.88 -58.16
C VAL D 64 -14.75 19.07 -57.68
N LYS D 65 -15.34 19.43 -56.51
CA LYS D 65 -16.49 18.71 -55.92
C LYS D 65 -17.57 18.62 -56.99
N GLY D 66 -18.11 17.41 -57.22
CA GLY D 66 -19.19 17.15 -58.19
C GLY D 66 -18.65 16.82 -59.57
N ARG D 67 -17.33 16.93 -59.77
CA ARG D 67 -16.65 16.61 -61.05
C ARG D 67 -15.68 15.43 -60.83
N PHE D 68 -14.79 15.49 -59.84
CA PHE D 68 -13.69 14.50 -59.67
C PHE D 68 -14.12 13.40 -58.71
N THR D 69 -13.61 12.18 -58.92
CA THR D 69 -13.76 10.98 -58.03
C THR D 69 -12.36 10.48 -57.66
N ILE D 70 -12.07 10.32 -56.38
CA ILE D 70 -10.84 9.62 -55.90
C ILE D 70 -11.30 8.23 -55.41
N SER D 71 -10.57 7.17 -55.77
CA SER D 71 -10.89 5.76 -55.40
C SER D 71 -9.56 5.01 -55.18
N ARG D 72 -9.57 3.81 -54.61
CA ARG D 72 -8.33 3.04 -54.37
C ARG D 72 -8.64 1.53 -54.35
N ASP D 73 -7.72 0.71 -54.85
CA ASP D 73 -7.72 -0.77 -54.62
C ASP D 73 -6.59 -1.09 -53.63
N LYS D 74 -6.93 -1.51 -52.41
CA LYS D 74 -5.99 -1.81 -51.30
C LYS D 74 -5.02 -2.94 -51.68
N ALA D 75 -5.55 -4.07 -52.16
CA ALA D 75 -4.79 -5.26 -52.59
C ALA D 75 -3.69 -4.85 -53.58
N LYS D 76 -3.99 -3.90 -54.50
CA LYS D 76 -3.08 -3.42 -55.59
C LYS D 76 -2.27 -2.19 -55.15
N ASN D 77 -2.51 -1.65 -53.95
CA ASN D 77 -1.85 -0.44 -53.40
C ASN D 77 -1.85 0.67 -54.45
N THR D 78 -3.00 0.90 -55.09
CA THR D 78 -3.16 1.94 -56.14
C THR D 78 -4.39 2.81 -55.84
N VAL D 79 -4.15 4.12 -55.83
CA VAL D 79 -5.17 5.21 -55.72
C VAL D 79 -5.36 5.82 -57.11
N TYR D 80 -6.60 6.20 -57.43
CA TYR D 80 -7.03 6.73 -58.74
C TYR D 80 -7.66 8.12 -58.52
N LEU D 81 -7.44 9.07 -59.42
CA LEU D 81 -8.24 10.32 -59.51
C LEU D 81 -8.97 10.33 -60.87
N GLN D 82 -10.30 10.14 -60.84
CA GLN D 82 -11.22 10.18 -62.01
C GLN D 82 -11.61 11.65 -62.23
N MET D 83 -11.06 12.26 -63.28
CA MET D 83 -11.27 13.68 -63.61
C MET D 83 -12.39 13.79 -64.69
N ASN D 84 -13.66 13.86 -64.25
CA ASN D 84 -14.88 13.96 -65.11
C ASN D 84 -15.18 15.44 -65.41
N SER D 85 -15.87 15.73 -66.53
CA SER D 85 -16.14 17.09 -67.05
C SER D 85 -14.88 17.98 -66.93
N LEU D 86 -13.78 17.52 -67.54
CA LEU D 86 -12.46 18.23 -67.58
C LEU D 86 -12.70 19.67 -68.03
N LYS D 87 -12.07 20.65 -67.35
CA LYS D 87 -12.18 22.09 -67.66
C LYS D 87 -10.80 22.65 -67.97
N TYR D 88 -10.77 23.80 -68.65
CA TYR D 88 -9.52 24.54 -68.99
C TYR D 88 -8.76 24.85 -67.71
N GLU D 89 -9.48 25.16 -66.62
CA GLU D 89 -8.89 25.55 -65.31
CA GLU D 89 -8.91 25.53 -65.30
C GLU D 89 -8.37 24.30 -64.55
N ASP D 90 -8.44 23.11 -65.16
CA ASP D 90 -7.85 21.86 -64.59
C ASP D 90 -6.43 21.62 -65.14
N THR D 91 -5.99 22.34 -66.19
CA THR D 91 -4.65 22.17 -66.84
C THR D 91 -3.56 22.43 -65.78
N ALA D 92 -2.74 21.41 -65.46
CA ALA D 92 -1.78 21.43 -64.33
C ALA D 92 -1.00 20.12 -64.27
N VAL D 93 0.09 20.11 -63.49
CA VAL D 93 0.81 18.88 -63.03
C VAL D 93 0.09 18.37 -61.77
N TYR D 94 -0.36 17.11 -61.75
CA TYR D 94 -1.08 16.48 -60.60
C TYR D 94 -0.12 15.59 -59.81
N TYR D 95 -0.06 15.79 -58.48
CA TYR D 95 0.82 15.07 -57.52
C TYR D 95 -0.03 14.23 -56.57
N CYS D 96 0.35 12.96 -56.37
N CYS D 96 0.38 12.99 -56.33
CA CYS D 96 -0.19 12.08 -55.30
CA CYS D 96 -0.18 12.11 -55.29
C CYS D 96 0.74 12.19 -54.07
C CYS D 96 0.74 12.15 -54.07
N ALA D 97 0.16 12.10 -52.86
CA ALA D 97 0.89 12.13 -51.57
C ALA D 97 0.33 11.06 -50.63
N GLN D 98 1.20 10.57 -49.74
CA GLN D 98 0.91 9.46 -48.78
C GLN D 98 1.31 9.93 -47.39
N THR D 99 0.50 9.60 -46.41
CA THR D 99 0.77 9.84 -44.97
C THR D 99 0.38 8.58 -44.18
N HIS D 100 1.10 8.30 -43.11
CA HIS D 100 0.74 7.24 -42.13
C HIS D 100 0.05 7.90 -40.93
N TYR D 101 -0.17 9.22 -40.97
CA TYR D 101 -0.95 10.00 -39.98
C TYR D 101 -2.43 9.63 -40.05
N VAL D 102 -3.02 9.25 -38.91
CA VAL D 102 -4.49 9.03 -38.74
C VAL D 102 -5.03 10.20 -37.89
N SER D 103 -5.84 11.08 -38.49
CA SER D 103 -6.77 12.00 -37.77
C SER D 103 -8.19 11.43 -37.83
N TYR D 104 -8.97 11.60 -36.76
CA TYR D 104 -10.38 11.16 -36.68
C TYR D 104 -11.23 12.04 -37.60
N LEU D 105 -10.72 13.22 -37.95
CA LEU D 105 -11.41 14.27 -38.75
C LEU D 105 -10.82 14.33 -40.17
N LEU D 106 -11.53 13.76 -41.15
CA LEU D 106 -11.08 13.57 -42.57
C LEU D 106 -10.66 14.91 -43.20
N SER D 107 -11.35 16.02 -42.88
CA SER D 107 -11.08 17.39 -43.43
C SER D 107 -9.64 17.85 -43.13
N ASP D 108 -9.00 17.33 -42.08
CA ASP D 108 -7.63 17.70 -41.68
C ASP D 108 -6.62 17.26 -42.75
N TYR D 109 -6.94 16.30 -43.63
CA TYR D 109 -6.02 15.81 -44.70
C TYR D 109 -5.92 16.86 -45.81
N ALA D 110 -6.78 17.88 -45.78
CA ALA D 110 -6.73 19.05 -46.70
C ALA D 110 -5.62 20.00 -46.29
N THR D 111 -5.24 20.05 -44.99
CA THR D 111 -4.25 21.00 -44.38
C THR D 111 -2.96 20.27 -43.93
N TRP D 112 -3.00 18.95 -43.72
CA TRP D 112 -1.85 18.13 -43.24
C TRP D 112 -0.72 18.17 -44.27
N PRO D 113 0.54 18.42 -43.85
CA PRO D 113 1.69 18.11 -44.69
C PRO D 113 1.97 16.60 -44.66
N TYR D 114 2.02 15.95 -45.82
CA TYR D 114 2.11 14.47 -46.00
C TYR D 114 3.57 14.01 -45.86
N ASP D 115 3.81 12.70 -45.98
CA ASP D 115 5.13 12.07 -45.69
C ASP D 115 5.92 11.88 -46.98
N TYR D 116 5.29 11.35 -48.03
CA TYR D 116 5.95 11.04 -49.32
C TYR D 116 5.09 11.56 -50.48
N TRP D 117 5.73 11.89 -51.60
CA TRP D 117 5.13 12.63 -52.74
C TRP D 117 5.57 11.99 -54.06
N GLY D 118 4.67 11.93 -55.03
CA GLY D 118 4.94 11.47 -56.40
C GLY D 118 5.69 12.52 -57.23
N GLN D 119 6.02 12.18 -58.48
CA GLN D 119 6.86 12.99 -59.41
C GLN D 119 6.00 14.04 -60.12
N GLY D 120 4.67 13.84 -60.14
CA GLY D 120 3.71 14.69 -60.86
C GLY D 120 3.44 14.20 -62.27
N THR D 121 2.19 14.26 -62.72
CA THR D 121 1.73 13.85 -64.07
C THR D 121 0.98 15.04 -64.70
N GLN D 122 1.39 15.46 -65.91
CA GLN D 122 0.85 16.64 -66.62
C GLN D 122 -0.51 16.27 -67.25
N VAL D 123 -1.56 17.05 -66.94
CA VAL D 123 -2.88 17.02 -67.63
C VAL D 123 -3.03 18.35 -68.39
N THR D 124 -3.30 18.27 -69.70
CA THR D 124 -3.53 19.44 -70.62
C THR D 124 -4.92 19.28 -71.23
N VAL D 125 -5.83 20.21 -70.89
CA VAL D 125 -7.26 20.18 -71.32
C VAL D 125 -7.41 21.10 -72.53
N SER D 126 -7.83 20.54 -73.66
CA SER D 126 -8.04 21.23 -74.97
C SER D 126 -9.38 22.00 -74.95
N SER D 127 -9.43 23.08 -75.72
CA SER D 127 -10.55 24.06 -75.80
C SER D 127 -11.88 23.39 -76.21
N LYS D 128 -12.98 23.83 -75.59
CA LYS D 128 -14.39 23.56 -76.00
C LYS D 128 -14.65 22.04 -76.07
#